data_8HQN
#
_entry.id   8HQN
#
_cell.length_a   1.00
_cell.length_b   1.00
_cell.length_c   1.00
_cell.angle_alpha   90.00
_cell.angle_beta   90.00
_cell.angle_gamma   90.00
#
_symmetry.space_group_name_H-M   'P 1'
#
loop_
_entity.id
_entity.type
_entity.pdbx_description
1 polymer 'Guanine nucleotide-binding protein G(I)/G(S)/G(T) subunit beta-1'
2 polymer 'Guanine nucleotide-binding protein G(I)/G(S)/G(O) subunit gamma-2'
3 polymer scFv16
4 polymer 'Soluble cytochrome b562,Probable G-protein coupled receptor 132'
5 polymer 'Guanine nucleotide-binding protein G(i) subunit alpha-1'
6 non-polymer '(9S,10E,12Z)-9-hydroxyoctadeca-10,12-dienoic acid'
#
loop_
_entity_poly.entity_id
_entity_poly.type
_entity_poly.pdbx_seq_one_letter_code
_entity_poly.pdbx_strand_id
1 'polypeptide(L)'
;MHHHHHHLEVLFQGPGSSQSELDQLRQEAEQLKNQIRDARKACADATLSQITNNIDPVGRIQMRTRRTLRGHLAKIYAMH
WGTDSRLLVSASQDGKLIIWDSYTTNKVHAIPLRSSWVMTCAYAPSGNYVACGGLDNICSIYNLKTREGNVRVSRELAGH
TGYLSCCRFLDDNQIVTSSGDTTCALWDIETGQQTTTFTGHTGDVMSLSLAPDTRLFVSGACDASAKLWDVREGMCRQTF
TGHESDINAICFFPNGNAFATGSDDATCRLFDLRADQELMTYSHDNIICGITSVSFSKSGRLLLAGYDDFNCNVWDALKA
DRAGVLAGHDNRVSCLGVTDDGMAVATGSWDSFLKIWN
;
B
2 'polypeptide(L)' NTASIAQARKLVEQLKMEANIDRIKVSKAAADLMAYCEAHAKEDPLLTPVPASENPFR C
3 'polypeptide(L)'
;DVQLVESGGGLVQPGGSRKLSCSASGFAFSSFGMHWVRQAPEKGLEWVAYISSGSGTIYYADTVKGRFTISRDDPKNTLF
LQMTSLRSEDTAMYYCVRSIYYYGSSPFDFWGQGTTLTVSSGGGGSGGGGSGGGGSDIVMTQATSSVPVTPGESVSISCR
SSKSLLHSNGNTYLYWFLQRPGQSPQLLIYRMSNLASGVPDRFSGSGSGTAFTLTISRLEAEDVGVYYCMQHLEYPLTFG
AGTKLELKGS
;
H
4 'polypeptide(L)'
;MKTIIALSYIFCLVFADYKDDDDKADLEDNWETLNDNLKVIEKADNAAQVKDALTKMRAAALDAQKATPPKLEDKSPDSP
EMKDFRHGFDILVGQIDDALKLANEGKVKEAQAAAEQLKTTRNAYIQKYLMCPMLLKNGYNGNATPVTTTAPWASLGLSA
KTCNNVSFEESRIVLVVVYSAVCTLGVPANCLTAWLALLQVLQGNVLAVYLLCLALCELLYTGTLPLWVIYIRNQHRWTL
GLLACKVTAYIFFCNIYVSILFLCCISCDRFVAVVYALESRGRRRRRTAILISACIFILVGIVHYPVFQTEDKETCFDML
QMDSRIAGYYYARFTVGFAIPLSIIAFTNHRIFRSIKQSMGLSAAQKAKVKHSAIAVVVIFLVCFAPYHLVLLVKAAAFS
YYRGDRNAMCGLEERLYTASVVFLCLSTVNGVADPIIYVLATDHSRQEVSRIHKGWKEWSMKTDVTRLTHSRDTEELQSP
VALADHYTFSRPVHPPGSPCPAKRLIEESC
;
R
5 'polypeptide(L)'
;MGCTLSAEDKAAVERSKMIDRNLREDGEKAAREVKLLLLGAGESGKSTIVKQMKIIHEAGYSEEECKQYKAVVYSNTIQS
IIAIIRAMGRLKIDFGDSARADDARQLFVLAGAAEEGFMTAELAGVIKRLWKDSGVQACFNRSREYQLNDSAAYYLNDLD
RIAQPNYIPTQQDVLRTRVKTTGIVETHFTFKDLHFKMFDVGAQRSERKKWIHCFEGVTAIIFCVALSDYDLVLAEDEEM
NRMHESMKLFDSICNNKWFTDTSIILFLNKKDLFEEKIKKSPLTICYPEYAGSNTYEEAAAYIQCQFEDLNKRKDTKEIY
THFTCSTDTKNVQFVFDAVTDVIIKNNLKDCGLF
;
A
#
loop_
_chem_comp.id
_chem_comp.type
_chem_comp.name
_chem_comp.formula
9HO non-polymer '(9S,10E,12Z)-9-hydroxyoctadeca-10,12-dienoic acid' 'C18 H32 O3'
#
# COMPACT_ATOMS: atom_id res chain seq x y z
N MET A 63 -1.73 -0.72 -25.30
CA MET A 63 -2.40 -1.81 -24.60
C MET A 63 -1.53 -2.35 -23.47
N ARG A 64 -0.44 -1.65 -23.17
CA ARG A 64 0.53 -2.09 -22.18
C ARG A 64 0.68 -1.04 -21.08
N THR A 65 1.27 -1.46 -19.96
CA THR A 65 1.43 -0.57 -18.82
C THR A 65 2.51 0.46 -19.10
N ARG A 66 2.21 1.73 -18.84
CA ARG A 66 3.26 2.71 -19.12
C ARG A 66 3.95 3.18 -17.85
N ARG A 67 3.20 3.34 -16.77
CA ARG A 67 3.75 3.62 -15.47
C ARG A 67 2.95 2.83 -14.43
N THR A 68 3.58 2.59 -13.28
CA THR A 68 2.91 1.84 -12.19
C THR A 68 3.03 2.66 -10.89
N LEU A 69 1.93 3.27 -10.45
CA LEU A 69 1.94 4.10 -9.21
C LEU A 69 2.21 3.20 -8.01
N ARG A 70 1.75 1.94 -8.04
CA ARG A 70 1.95 0.96 -6.92
C ARG A 70 1.15 1.39 -5.68
N GLY A 71 0.22 2.34 -5.84
CA GLY A 71 -0.66 2.76 -4.72
C GLY A 71 0.11 3.34 -3.55
N HIS A 72 -0.52 3.38 -2.37
CA HIS A 72 0.13 4.01 -1.19
C HIS A 72 0.45 2.95 -0.12
N LEU A 73 -0.57 2.46 0.61
CA LEU A 73 -0.31 1.51 1.72
C LEU A 73 -1.13 0.23 1.51
N ALA A 74 -2.40 0.23 1.92
CA ALA A 74 -3.20 -1.02 1.85
C ALA A 74 -4.55 -0.79 1.16
N LYS A 75 -4.85 -1.56 0.10
CA LYS A 75 -6.17 -1.50 -0.60
C LYS A 75 -6.38 -0.22 -1.40
N ILE A 76 -7.32 -0.21 -2.35
CA ILE A 76 -7.70 1.00 -3.15
C ILE A 76 -9.13 0.71 -3.61
N TYR A 77 -10.08 1.60 -3.32
CA TYR A 77 -11.50 1.31 -3.65
C TYR A 77 -12.00 2.16 -4.84
N ALA A 78 -11.80 3.48 -4.79
CA ALA A 78 -12.36 4.34 -5.86
C ALA A 78 -11.32 5.34 -6.38
N MET A 79 -11.50 5.83 -7.61
CA MET A 79 -10.58 6.87 -8.16
C MET A 79 -11.40 7.89 -8.96
N HIS A 80 -10.84 9.07 -9.20
CA HIS A 80 -11.52 10.11 -10.02
C HIS A 80 -10.47 10.95 -10.74
N TRP A 81 -10.54 11.03 -12.07
CA TRP A 81 -9.54 11.81 -12.85
C TRP A 81 -9.81 13.30 -12.72
N GLY A 82 -8.76 14.11 -12.50
CA GLY A 82 -8.93 15.53 -12.37
C GLY A 82 -9.21 16.22 -13.70
N THR A 83 -9.47 17.53 -13.61
CA THR A 83 -9.72 18.31 -14.81
C THR A 83 -8.44 18.55 -15.59
N ASP A 84 -7.31 18.63 -14.88
CA ASP A 84 -6.03 18.89 -15.53
C ASP A 84 -5.59 17.72 -16.40
N SER A 85 -6.13 16.53 -16.16
CA SER A 85 -5.88 15.22 -16.78
C SER A 85 -4.48 14.72 -16.46
N ARG A 86 -3.79 15.31 -15.49
CA ARG A 86 -2.51 14.84 -15.03
C ARG A 86 -2.55 14.25 -13.63
N LEU A 87 -3.53 14.65 -12.82
CA LEU A 87 -3.62 14.25 -11.42
C LEU A 87 -4.88 13.41 -11.19
N LEU A 88 -4.78 12.47 -10.27
CA LEU A 88 -5.90 11.63 -9.88
C LEU A 88 -6.04 11.62 -8.37
N VAL A 89 -7.20 11.23 -7.88
CA VAL A 89 -7.44 11.04 -6.45
C VAL A 89 -7.61 9.55 -6.21
N SER A 90 -7.00 9.02 -5.16
CA SER A 90 -7.11 7.61 -4.81
C SER A 90 -7.70 7.48 -3.42
N ALA A 91 -8.72 6.62 -3.31
CA ALA A 91 -9.45 6.38 -2.08
C ALA A 91 -9.21 4.94 -1.65
N SER A 92 -9.03 4.72 -0.35
CA SER A 92 -8.80 3.39 0.16
C SER A 92 -9.30 3.24 1.59
N GLN A 93 -9.47 1.98 1.99
CA GLN A 93 -10.03 1.64 3.29
C GLN A 93 -9.05 1.88 4.44
N ASP A 94 -7.76 2.09 4.13
CA ASP A 94 -6.74 2.34 5.16
C ASP A 94 -7.06 3.57 5.99
N GLY A 95 -7.67 4.57 5.39
CA GLY A 95 -7.94 5.83 6.06
C GLY A 95 -7.16 7.00 5.51
N LYS A 96 -6.48 6.83 4.39
CA LYS A 96 -5.72 7.90 3.74
C LYS A 96 -6.22 8.08 2.32
N LEU A 97 -6.48 9.33 1.96
CA LEU A 97 -6.82 9.71 0.59
C LEU A 97 -5.58 10.33 -0.04
N ILE A 98 -5.20 9.90 -1.24
CA ILE A 98 -3.94 10.37 -1.82
C ILE A 98 -4.21 10.99 -3.18
N ILE A 99 -3.84 12.26 -3.33
CA ILE A 99 -3.80 12.88 -4.65
C ILE A 99 -2.47 12.56 -5.29
N TRP A 100 -2.53 12.01 -6.50
CA TRP A 100 -1.44 11.41 -7.25
C TRP A 100 -1.19 12.20 -8.53
N ASP A 101 0.06 12.11 -9.00
CA ASP A 101 0.50 12.67 -10.27
C ASP A 101 0.84 11.52 -11.20
N SER A 102 0.38 11.60 -12.45
CA SER A 102 0.56 10.51 -13.39
C SER A 102 1.93 10.56 -14.07
N TYR A 103 2.38 11.75 -14.46
CA TYR A 103 3.61 11.85 -15.25
C TYR A 103 4.83 11.58 -14.37
N THR A 104 4.89 12.19 -13.19
CA THR A 104 6.07 12.08 -12.35
C THR A 104 6.04 10.89 -11.40
N THR A 105 4.89 10.20 -11.30
CA THR A 105 4.67 9.07 -10.38
C THR A 105 5.02 9.46 -8.94
N ASN A 106 4.61 10.66 -8.55
CA ASN A 106 4.86 11.19 -7.22
C ASN A 106 3.55 11.66 -6.61
N LYS A 107 3.28 11.24 -5.39
CA LYS A 107 2.05 11.67 -4.73
C LYS A 107 2.18 13.13 -4.32
N VAL A 108 1.09 13.87 -4.49
CA VAL A 108 1.11 15.30 -4.21
C VAL A 108 0.26 15.68 -3.00
N HIS A 109 -0.62 14.80 -2.52
CA HIS A 109 -1.35 15.14 -1.30
C HIS A 109 -1.73 13.88 -0.54
N ALA A 110 -1.78 14.02 0.80
CA ALA A 110 -2.20 12.96 1.71
C ALA A 110 -3.25 13.50 2.66
N ILE A 111 -4.36 12.80 2.78
CA ILE A 111 -5.51 13.21 3.57
C ILE A 111 -5.79 12.16 4.64
N PRO A 112 -5.61 12.46 5.92
CA PRO A 112 -6.13 11.58 6.96
C PRO A 112 -7.65 11.63 7.01
N LEU A 113 -8.24 10.55 7.50
CA LEU A 113 -9.70 10.41 7.55
C LEU A 113 -10.14 10.10 8.98
N ARG A 114 -11.13 10.85 9.46
CA ARG A 114 -11.73 10.57 10.75
C ARG A 114 -12.46 9.24 10.73
N SER A 115 -13.17 8.96 9.65
CA SER A 115 -13.85 7.68 9.46
C SER A 115 -13.01 6.84 8.51
N SER A 116 -12.53 5.70 9.00
CA SER A 116 -11.67 4.83 8.21
C SER A 116 -12.42 4.21 7.04
N TRP A 117 -13.68 3.87 7.25
CA TRP A 117 -14.50 3.24 6.22
C TRP A 117 -14.95 4.29 5.23
N VAL A 118 -14.37 4.25 4.03
CA VAL A 118 -14.78 5.14 2.95
C VAL A 118 -14.92 4.29 1.69
N MET A 119 -15.95 4.57 0.90
CA MET A 119 -16.22 3.79 -0.29
C MET A 119 -16.35 4.63 -1.56
N THR A 120 -16.15 5.94 -1.48
CA THR A 120 -16.29 6.80 -2.64
C THR A 120 -15.38 8.01 -2.53
N CYS A 121 -15.08 8.59 -3.68
CA CYS A 121 -14.27 9.80 -3.77
C CYS A 121 -14.73 10.60 -4.96
N ALA A 122 -14.69 11.92 -4.82
CA ALA A 122 -15.04 12.83 -5.90
C ALA A 122 -13.98 13.93 -5.96
N TYR A 123 -13.56 14.24 -7.20
CA TYR A 123 -12.61 15.35 -7.44
C TYR A 123 -13.41 16.43 -8.19
N ALA A 124 -13.40 17.66 -7.68
CA ALA A 124 -14.19 18.74 -8.25
C ALA A 124 -13.69 19.09 -9.64
N PRO A 125 -14.57 19.53 -10.55
CA PRO A 125 -14.10 20.02 -11.86
C PRO A 125 -13.22 21.25 -11.76
N SER A 126 -13.39 22.08 -10.73
CA SER A 126 -12.48 23.20 -10.55
C SER A 126 -11.12 22.72 -10.04
N GLY A 127 -11.12 21.68 -9.21
CA GLY A 127 -9.91 21.20 -8.58
C GLY A 127 -9.63 21.80 -7.23
N ASN A 128 -10.43 22.78 -6.79
CA ASN A 128 -10.22 23.38 -5.48
C ASN A 128 -10.63 22.43 -4.36
N TYR A 129 -11.68 21.64 -4.58
CA TYR A 129 -12.27 20.81 -3.53
C TYR A 129 -12.15 19.33 -3.89
N VAL A 130 -12.07 18.50 -2.85
CA VAL A 130 -12.14 17.05 -3.00
C VAL A 130 -13.11 16.52 -1.95
N ALA A 131 -13.98 15.59 -2.35
CA ALA A 131 -15.00 15.08 -1.45
C ALA A 131 -14.73 13.62 -1.14
N CYS A 132 -14.72 13.27 0.13
CA CYS A 132 -14.63 11.88 0.56
C CYS A 132 -15.70 11.62 1.60
N GLY A 133 -16.21 10.40 1.58
CA GLY A 133 -17.22 10.02 2.55
C GLY A 133 -17.24 8.52 2.68
N GLY A 134 -17.98 8.05 3.66
CA GLY A 134 -18.12 6.63 3.87
C GLY A 134 -19.45 6.27 4.48
N LEU A 135 -19.47 5.19 5.26
CA LEU A 135 -20.71 4.74 5.87
C LEU A 135 -21.04 5.48 7.15
N ASP A 136 -20.23 6.47 7.55
CA ASP A 136 -20.43 7.16 8.83
C ASP A 136 -21.61 8.14 8.79
N ASN A 137 -22.26 8.28 7.64
CA ASN A 137 -23.37 9.17 7.27
C ASN A 137 -22.91 10.61 7.15
N ILE A 138 -21.60 10.88 7.18
CA ILE A 138 -21.05 12.22 7.16
C ILE A 138 -20.15 12.37 5.95
N CYS A 139 -20.52 13.26 5.03
CA CYS A 139 -19.71 13.57 3.87
C CYS A 139 -18.76 14.70 4.22
N SER A 140 -17.49 14.55 3.87
CA SER A 140 -16.45 15.52 4.18
C SER A 140 -15.90 16.10 2.89
N ILE A 141 -16.00 17.42 2.74
CA ILE A 141 -15.48 18.11 1.58
C ILE A 141 -14.28 18.94 2.02
N TYR A 142 -13.13 18.66 1.42
CA TYR A 142 -11.85 19.22 1.81
C TYR A 142 -11.39 20.25 0.79
N ASN A 143 -10.91 21.38 1.29
CA ASN A 143 -10.33 22.43 0.46
C ASN A 143 -8.87 22.09 0.20
N LEU A 144 -8.55 21.78 -1.05
CA LEU A 144 -7.17 21.43 -1.40
C LEU A 144 -6.26 22.65 -1.35
N LYS A 145 -6.73 23.78 -1.89
CA LYS A 145 -5.97 25.01 -1.92
C LYS A 145 -6.40 25.91 -0.77
N THR A 146 -5.56 25.99 0.27
CA THR A 146 -5.83 26.85 1.41
C THR A 146 -4.65 27.79 1.61
N ARG A 147 -4.90 28.87 2.36
CA ARG A 147 -3.83 29.76 2.76
C ARG A 147 -2.84 29.06 3.68
N GLU A 148 -3.34 28.21 4.58
CA GLU A 148 -2.48 27.42 5.45
C GLU A 148 -1.67 26.39 4.64
N GLY A 149 -2.22 25.94 3.53
CA GLY A 149 -1.61 24.88 2.74
C GLY A 149 -2.02 23.49 3.16
N ASN A 150 -2.75 23.35 4.25
CA ASN A 150 -3.20 22.05 4.71
C ASN A 150 -4.49 21.66 4.01
N VAL A 151 -5.01 20.50 4.40
CA VAL A 151 -6.28 20.00 3.88
C VAL A 151 -7.27 19.93 5.04
N ARG A 152 -8.31 20.74 4.96
CA ARG A 152 -9.27 20.92 6.04
C ARG A 152 -10.67 20.69 5.48
N VAL A 153 -11.47 19.90 6.21
CA VAL A 153 -12.83 19.62 5.78
C VAL A 153 -13.69 20.87 5.91
N SER A 154 -14.35 21.25 4.81
CA SER A 154 -15.13 22.49 4.80
C SER A 154 -16.33 22.38 5.74
N ARG A 155 -17.11 21.31 5.61
CA ARG A 155 -18.23 21.08 6.50
C ARG A 155 -18.59 19.60 6.49
N GLU A 156 -19.19 19.17 7.59
CA GLU A 156 -19.77 17.84 7.68
C GLU A 156 -21.16 17.84 7.05
N LEU A 157 -21.49 16.78 6.32
CA LEU A 157 -22.79 16.63 5.68
C LEU A 157 -23.46 15.38 6.24
N ALA A 158 -24.33 15.56 7.23
CA ALA A 158 -24.97 14.45 7.92
C ALA A 158 -26.49 14.60 7.81
N GLY A 159 -27.05 14.13 6.70
CA GLY A 159 -28.48 14.12 6.50
C GLY A 159 -29.05 12.80 6.02
N HIS A 160 -28.26 11.74 5.97
CA HIS A 160 -28.70 10.44 5.49
C HIS A 160 -28.66 9.43 6.64
N THR A 161 -29.55 8.44 6.56
CA THR A 161 -29.65 7.40 7.57
C THR A 161 -28.91 6.12 7.19
N GLY A 162 -28.19 6.11 6.07
CA GLY A 162 -27.53 4.90 5.61
C GLY A 162 -26.03 5.02 5.38
N TYR A 163 -25.54 4.46 4.28
CA TYR A 163 -24.11 4.50 3.97
C TYR A 163 -23.92 5.25 2.65
N LEU A 164 -23.04 6.25 2.65
CA LEU A 164 -22.89 7.16 1.52
C LEU A 164 -22.09 6.45 0.44
N SER A 165 -22.82 5.92 -0.55
CA SER A 165 -22.20 5.03 -1.53
C SER A 165 -21.39 5.79 -2.57
N CYS A 166 -21.88 6.94 -3.02
CA CYS A 166 -21.12 7.69 -4.03
C CYS A 166 -21.38 9.18 -3.95
N CYS A 167 -20.31 9.95 -3.82
CA CYS A 167 -20.41 11.41 -3.87
C CYS A 167 -19.84 11.90 -5.20
N ARG A 168 -20.48 12.92 -5.77
CA ARG A 168 -20.13 13.47 -7.06
C ARG A 168 -20.28 14.99 -7.01
N PHE A 169 -19.39 15.70 -7.72
CA PHE A 169 -19.38 17.18 -7.66
C PHE A 169 -20.01 17.82 -8.89
N LEU A 170 -21.32 18.11 -8.83
CA LEU A 170 -21.99 18.83 -9.91
C LEU A 170 -21.32 20.18 -10.14
N ASP A 171 -21.10 20.92 -9.07
CA ASP A 171 -20.52 22.25 -9.09
C ASP A 171 -19.86 22.42 -7.72
N ASP A 172 -19.11 23.52 -7.56
CA ASP A 172 -18.53 23.86 -6.27
C ASP A 172 -19.60 23.98 -5.19
N ASN A 173 -20.71 24.65 -5.53
CA ASN A 173 -21.78 24.84 -4.56
C ASN A 173 -22.63 23.59 -4.41
N GLN A 174 -23.03 22.97 -5.52
CA GLN A 174 -24.01 21.90 -5.51
C GLN A 174 -23.31 20.55 -5.59
N ILE A 175 -23.51 19.72 -4.57
CA ILE A 175 -22.85 18.41 -4.46
C ILE A 175 -23.93 17.34 -4.40
N VAL A 176 -23.76 16.28 -5.20
CA VAL A 176 -24.73 15.19 -5.25
C VAL A 176 -24.18 14.01 -4.46
N THR A 177 -24.97 13.50 -3.52
CA THR A 177 -24.55 12.35 -2.72
C THR A 177 -25.57 11.23 -2.85
N SER A 178 -25.08 10.01 -3.06
CA SER A 178 -25.87 8.80 -3.09
C SER A 178 -25.55 7.99 -1.86
N SER A 179 -26.58 7.58 -1.13
CA SER A 179 -26.41 6.98 0.17
C SER A 179 -27.21 5.68 0.28
N GLY A 180 -26.98 4.97 1.38
CA GLY A 180 -27.70 3.74 1.66
C GLY A 180 -29.11 3.93 2.16
N ASP A 181 -29.56 5.17 2.30
CA ASP A 181 -30.91 5.57 2.67
C ASP A 181 -31.91 5.41 1.52
N THR A 182 -31.51 4.76 0.43
CA THR A 182 -32.32 4.51 -0.77
C THR A 182 -32.84 5.80 -1.40
N THR A 183 -32.06 6.88 -1.30
CA THR A 183 -32.42 8.16 -1.88
C THR A 183 -31.16 8.98 -2.09
N CYS A 184 -31.26 9.97 -2.97
CA CYS A 184 -30.19 10.91 -3.23
C CYS A 184 -30.63 12.30 -2.79
N ALA A 185 -29.69 13.22 -2.60
CA ALA A 185 -30.02 14.56 -2.18
C ALA A 185 -28.98 15.55 -2.67
N LEU A 186 -29.43 16.65 -3.24
CA LEU A 186 -28.55 17.76 -3.57
C LEU A 186 -28.21 18.55 -2.33
N TRP A 187 -26.94 18.86 -2.15
CA TRP A 187 -26.48 19.58 -0.98
C TRP A 187 -25.82 20.88 -1.38
N ASP A 188 -26.01 21.90 -0.54
CA ASP A 188 -25.36 23.19 -0.66
C ASP A 188 -24.34 23.30 0.47
N ILE A 189 -23.12 23.74 0.12
CA ILE A 189 -22.03 23.75 1.09
C ILE A 189 -22.23 24.85 2.14
N GLU A 190 -22.98 25.89 1.80
CA GLU A 190 -23.14 27.02 2.71
C GLU A 190 -24.07 26.68 3.86
N THR A 191 -25.15 25.95 3.57
CA THR A 191 -26.16 25.62 4.56
C THR A 191 -26.05 24.19 5.08
N GLY A 192 -25.46 23.29 4.32
CA GLY A 192 -25.43 21.88 4.69
C GLY A 192 -26.80 21.25 4.74
N GLN A 193 -27.70 21.68 3.85
CA GLN A 193 -29.09 21.26 3.85
C GLN A 193 -29.47 20.77 2.46
N GLN A 194 -30.32 19.76 2.42
CA GLN A 194 -30.77 19.21 1.15
C GLN A 194 -31.70 20.22 0.47
N THR A 195 -31.38 20.56 -0.78
CA THR A 195 -32.29 21.42 -1.54
C THR A 195 -33.36 20.60 -2.22
N THR A 196 -32.96 19.54 -2.91
CA THR A 196 -33.86 18.60 -3.54
C THR A 196 -33.48 17.19 -3.12
N THR A 197 -34.45 16.41 -2.66
CA THR A 197 -34.21 15.02 -2.31
C THR A 197 -34.93 14.13 -3.32
N PHE A 198 -34.13 13.32 -4.02
CA PHE A 198 -34.62 12.38 -5.03
C PHE A 198 -34.94 11.05 -4.36
N THR A 199 -36.22 10.69 -4.34
CA THR A 199 -36.68 9.43 -3.77
C THR A 199 -37.26 8.55 -4.87
N GLY A 200 -37.50 7.29 -4.53
CA GLY A 200 -38.11 6.32 -5.42
C GLY A 200 -37.30 5.05 -5.61
N HIS A 201 -35.98 5.15 -5.52
CA HIS A 201 -35.10 3.99 -5.65
C HIS A 201 -35.32 3.07 -4.46
N THR A 202 -35.88 1.89 -4.71
CA THR A 202 -36.16 0.95 -3.62
C THR A 202 -34.88 0.42 -3.00
N GLY A 203 -33.88 0.12 -3.82
CA GLY A 203 -32.59 -0.29 -3.31
C GLY A 203 -31.75 0.91 -2.89
N ASP A 204 -30.67 0.60 -2.18
CA ASP A 204 -29.72 1.63 -1.77
C ASP A 204 -28.89 2.04 -2.98
N VAL A 205 -28.92 3.34 -3.31
CA VAL A 205 -28.25 3.82 -4.52
C VAL A 205 -26.75 3.67 -4.38
N MET A 206 -26.17 2.78 -5.18
CA MET A 206 -24.75 2.48 -5.12
C MET A 206 -23.90 3.38 -5.98
N SER A 207 -24.39 3.82 -7.13
CA SER A 207 -23.54 4.69 -7.95
C SER A 207 -24.40 5.61 -8.80
N LEU A 208 -23.90 6.82 -9.00
CA LEU A 208 -24.57 7.76 -9.89
C LEU A 208 -23.57 8.22 -10.95
N SER A 209 -24.09 8.50 -12.13
CA SER A 209 -23.30 9.07 -13.21
C SER A 209 -23.90 10.40 -13.61
N LEU A 210 -23.03 11.40 -13.73
CA LEU A 210 -23.42 12.76 -14.02
C LEU A 210 -23.14 13.11 -15.47
N ALA A 211 -24.04 13.86 -16.08
CA ALA A 211 -23.86 14.33 -17.45
C ALA A 211 -22.77 15.39 -17.50
N PRO A 212 -22.18 15.61 -18.69
CA PRO A 212 -21.26 16.76 -18.83
C PRO A 212 -21.93 18.11 -18.59
N ASP A 213 -23.21 18.23 -18.93
CA ASP A 213 -23.92 19.50 -18.74
C ASP A 213 -24.19 19.78 -17.27
N THR A 214 -24.10 18.75 -16.42
CA THR A 214 -24.38 18.74 -14.98
C THR A 214 -25.82 19.15 -14.68
N ARG A 215 -26.78 18.82 -15.56
CA ARG A 215 -28.17 19.18 -15.34
C ARG A 215 -29.05 17.96 -15.07
N LEU A 216 -28.77 16.84 -15.73
CA LEU A 216 -29.54 15.61 -15.60
C LEU A 216 -28.58 14.50 -15.20
N PHE A 217 -28.93 13.73 -14.18
CA PHE A 217 -28.02 12.67 -13.75
C PHE A 217 -28.80 11.42 -13.39
N VAL A 218 -28.14 10.27 -13.50
CA VAL A 218 -28.82 9.01 -13.24
C VAL A 218 -28.13 8.32 -12.07
N SER A 219 -28.91 7.61 -11.25
CA SER A 219 -28.37 6.85 -10.14
C SER A 219 -28.91 5.42 -10.19
N GLY A 220 -28.14 4.52 -9.60
CA GLY A 220 -28.46 3.10 -9.65
C GLY A 220 -28.20 2.44 -8.31
N ALA A 221 -29.01 1.44 -8.03
CA ALA A 221 -29.22 0.88 -6.71
C ALA A 221 -29.35 -0.63 -6.80
N CYS A 222 -29.81 -1.24 -5.71
CA CYS A 222 -30.16 -2.66 -5.68
C CYS A 222 -31.62 -2.86 -6.01
N ASP A 223 -32.08 -2.27 -7.11
CA ASP A 223 -33.42 -2.49 -7.63
C ASP A 223 -33.38 -3.17 -9.00
N ALA A 224 -32.18 -3.41 -9.52
CA ALA A 224 -31.94 -3.83 -10.90
C ALA A 224 -32.59 -2.86 -11.89
N SER A 225 -32.49 -1.56 -11.56
CA SER A 225 -33.12 -0.51 -12.33
C SER A 225 -32.35 0.79 -12.10
N ALA A 226 -32.50 1.71 -13.05
CA ALA A 226 -31.87 3.02 -12.98
C ALA A 226 -32.95 4.09 -13.04
N LYS A 227 -32.79 5.16 -12.26
CA LYS A 227 -33.76 6.23 -12.26
C LYS A 227 -33.07 7.56 -12.51
N LEU A 228 -33.50 8.26 -13.56
CA LEU A 228 -32.98 9.58 -13.89
C LEU A 228 -33.52 10.60 -12.89
N TRP A 229 -32.77 11.70 -12.75
CA TRP A 229 -33.13 12.77 -11.85
C TRP A 229 -32.78 14.12 -12.47
N ASP A 230 -33.69 15.07 -12.28
CA ASP A 230 -33.48 16.49 -12.59
C ASP A 230 -33.05 17.19 -11.31
N VAL A 231 -31.93 17.92 -11.39
CA VAL A 231 -31.30 18.46 -10.19
C VAL A 231 -32.11 19.62 -9.62
N ARG A 232 -32.82 20.36 -10.48
CA ARG A 232 -33.43 21.62 -10.05
C ARG A 232 -34.67 21.37 -9.20
N GLU A 233 -35.49 20.40 -9.58
CA GLU A 233 -36.79 20.20 -8.94
C GLU A 233 -36.89 18.89 -8.15
N GLY A 234 -35.85 18.06 -8.18
CA GLY A 234 -35.89 16.81 -7.44
C GLY A 234 -36.88 15.81 -7.96
N MET A 235 -36.96 15.65 -9.27
CA MET A 235 -38.02 14.88 -9.92
C MET A 235 -37.42 13.75 -10.74
N CYS A 236 -38.00 12.56 -10.59
CA CYS A 236 -37.55 11.41 -11.37
C CYS A 236 -37.90 11.57 -12.84
N ARG A 237 -36.89 11.47 -13.69
CA ARG A 237 -37.07 11.76 -15.11
C ARG A 237 -37.25 10.51 -15.97
N GLN A 238 -36.62 9.39 -15.63
CA GLN A 238 -36.76 8.16 -16.39
C GLN A 238 -36.67 6.96 -15.48
N THR A 239 -37.29 5.86 -15.89
CA THR A 239 -37.21 4.57 -15.20
C THR A 239 -36.66 3.53 -16.18
N PHE A 240 -35.37 3.23 -16.06
CA PHE A 240 -34.69 2.22 -16.86
C PHE A 240 -34.74 0.89 -16.13
N THR A 241 -35.07 -0.18 -16.86
CA THR A 241 -35.10 -1.53 -16.32
C THR A 241 -34.46 -2.47 -17.34
N GLY A 242 -34.00 -3.62 -16.87
CA GLY A 242 -33.39 -4.61 -17.72
C GLY A 242 -32.29 -5.39 -17.02
N HIS A 243 -31.85 -4.87 -15.88
CA HIS A 243 -30.84 -5.54 -15.08
C HIS A 243 -31.42 -6.77 -14.37
N GLU A 244 -30.57 -7.76 -14.14
CA GLU A 244 -30.94 -8.94 -13.38
C GLU A 244 -30.36 -8.93 -11.97
N SER A 245 -29.57 -7.92 -11.62
CA SER A 245 -28.88 -7.90 -10.34
C SER A 245 -28.59 -6.45 -9.96
N ASP A 246 -27.91 -6.29 -8.84
CA ASP A 246 -27.56 -4.97 -8.31
C ASP A 246 -26.60 -4.25 -9.24
N ILE A 247 -26.89 -2.97 -9.52
CA ILE A 247 -26.02 -2.14 -10.37
C ILE A 247 -24.82 -1.75 -9.52
N ASN A 248 -23.69 -2.45 -9.72
CA ASN A 248 -22.48 -2.15 -8.96
C ASN A 248 -21.89 -0.80 -9.33
N ALA A 249 -21.91 -0.46 -10.61
CA ALA A 249 -21.38 0.83 -11.06
C ALA A 249 -22.13 1.27 -12.31
N ILE A 250 -22.14 2.59 -12.52
CA ILE A 250 -22.79 3.22 -13.65
C ILE A 250 -21.86 4.30 -14.20
N CYS A 251 -21.89 4.49 -15.52
CA CYS A 251 -21.14 5.57 -16.14
C CYS A 251 -21.99 6.21 -17.22
N PHE A 252 -21.72 7.50 -17.46
CA PHE A 252 -22.44 8.31 -18.42
C PHE A 252 -21.59 8.47 -19.68
N PHE A 253 -22.23 8.38 -20.84
CA PHE A 253 -21.55 8.68 -22.09
C PHE A 253 -21.16 10.15 -22.13
N PRO A 254 -19.96 10.49 -22.63
CA PRO A 254 -19.54 11.90 -22.67
C PRO A 254 -20.37 12.79 -23.58
N ASN A 255 -21.14 12.21 -24.50
CA ASN A 255 -22.09 12.99 -25.28
C ASN A 255 -23.16 13.61 -24.38
N GLY A 256 -23.63 12.85 -23.40
CA GLY A 256 -24.76 13.28 -22.60
C GLY A 256 -26.09 12.77 -23.09
N ASN A 257 -26.11 11.93 -24.11
CA ASN A 257 -27.35 11.42 -24.67
C ASN A 257 -27.61 9.95 -24.35
N ALA A 258 -26.64 9.25 -23.77
CA ALA A 258 -26.76 7.82 -23.52
C ALA A 258 -25.91 7.47 -22.30
N PHE A 259 -25.95 6.20 -21.91
CA PHE A 259 -25.15 5.68 -20.81
C PHE A 259 -25.22 4.15 -20.83
N ALA A 260 -24.14 3.50 -20.39
CA ALA A 260 -24.13 2.05 -20.27
C ALA A 260 -23.66 1.66 -18.87
N THR A 261 -24.21 0.53 -18.41
CA THR A 261 -24.03 0.06 -17.04
C THR A 261 -23.51 -1.37 -17.06
N GLY A 262 -22.89 -1.75 -15.94
CA GLY A 262 -22.55 -3.13 -15.69
C GLY A 262 -23.01 -3.54 -14.30
N SER A 263 -23.21 -4.84 -14.12
CA SER A 263 -23.68 -5.37 -12.85
C SER A 263 -23.12 -6.77 -12.63
N ASP A 264 -23.56 -7.40 -11.54
CA ASP A 264 -23.01 -8.68 -11.12
C ASP A 264 -23.44 -9.83 -12.02
N ASP A 265 -24.39 -9.61 -12.93
CA ASP A 265 -24.83 -10.66 -13.85
C ASP A 265 -23.91 -10.84 -15.06
N ALA A 266 -22.72 -10.23 -15.04
CA ALA A 266 -21.68 -10.38 -16.06
C ALA A 266 -22.15 -9.95 -17.45
N THR A 267 -23.07 -8.98 -17.49
CA THR A 267 -23.63 -8.50 -18.75
C THR A 267 -23.60 -6.98 -18.73
N CYS A 268 -22.82 -6.37 -19.60
CA CYS A 268 -22.87 -4.93 -19.75
C CYS A 268 -24.05 -4.55 -20.64
N ARG A 269 -24.70 -3.44 -20.33
CA ARG A 269 -25.92 -3.08 -21.02
C ARG A 269 -25.92 -1.61 -21.39
N LEU A 270 -26.28 -1.31 -22.64
CA LEU A 270 -26.29 0.05 -23.17
C LEU A 270 -27.71 0.60 -23.17
N PHE A 271 -27.84 1.87 -22.80
CA PHE A 271 -29.13 2.54 -22.71
C PHE A 271 -28.99 3.95 -23.26
N ASP A 272 -30.12 4.52 -23.65
CA ASP A 272 -30.21 5.93 -24.02
C ASP A 272 -31.30 6.54 -23.16
N LEU A 273 -31.06 7.76 -22.68
CA LEU A 273 -31.98 8.40 -21.73
C LEU A 273 -33.36 8.60 -22.35
N ARG A 274 -33.42 9.08 -23.58
CA ARG A 274 -34.70 9.29 -24.23
C ARG A 274 -35.30 7.98 -24.72
N ALA A 275 -34.46 7.02 -25.13
CA ALA A 275 -34.99 5.77 -25.65
C ALA A 275 -35.65 4.94 -24.57
N ASP A 276 -35.03 4.89 -23.38
CA ASP A 276 -35.44 4.02 -22.26
C ASP A 276 -35.53 2.56 -22.72
N GLN A 277 -34.51 2.13 -23.46
CA GLN A 277 -34.54 0.84 -24.12
C GLN A 277 -33.11 0.31 -24.24
N GLU A 278 -33.00 -1.02 -24.19
CA GLU A 278 -31.71 -1.70 -24.35
C GLU A 278 -31.34 -1.74 -25.82
N LEU A 279 -30.23 -1.11 -26.18
CA LEU A 279 -29.77 -1.15 -27.56
C LEU A 279 -29.18 -2.51 -27.89
N MET A 280 -28.20 -2.96 -27.10
CA MET A 280 -27.62 -4.29 -27.21
C MET A 280 -26.85 -4.62 -25.94
N THR A 281 -26.78 -5.90 -25.63
CA THR A 281 -26.12 -6.39 -24.42
C THR A 281 -24.74 -6.92 -24.79
N TYR A 282 -23.81 -6.78 -23.86
CA TYR A 282 -22.42 -7.21 -24.03
C TYR A 282 -22.20 -8.35 -23.06
N SER A 283 -22.21 -9.57 -23.59
CA SER A 283 -22.15 -10.78 -22.78
C SER A 283 -21.24 -11.80 -23.44
N HIS A 284 -20.49 -12.53 -22.62
CA HIS A 284 -19.66 -13.63 -23.08
C HIS A 284 -19.89 -14.84 -22.19
N ASP A 285 -19.77 -16.03 -22.80
CA ASP A 285 -20.03 -17.27 -22.07
C ASP A 285 -18.98 -17.51 -20.99
N ASN A 286 -17.70 -17.25 -21.31
CA ASN A 286 -16.64 -17.40 -20.31
C ASN A 286 -16.77 -16.38 -19.20
N ILE A 287 -17.39 -15.24 -19.49
CA ILE A 287 -17.58 -14.19 -18.50
C ILE A 287 -18.79 -14.51 -17.64
N ILE A 288 -18.54 -15.15 -16.50
CA ILE A 288 -19.51 -15.23 -15.40
C ILE A 288 -19.20 -14.18 -14.34
N CYS A 289 -18.01 -13.60 -14.40
CA CYS A 289 -17.53 -12.66 -13.41
C CYS A 289 -18.32 -11.34 -13.44
N GLY A 290 -18.75 -10.90 -12.26
CA GLY A 290 -19.52 -9.68 -12.15
C GLY A 290 -18.70 -8.44 -12.44
N ILE A 291 -19.41 -7.36 -12.77
CA ILE A 291 -18.81 -6.13 -13.27
C ILE A 291 -18.82 -5.09 -12.16
N THR A 292 -17.66 -4.49 -11.89
CA THR A 292 -17.51 -3.52 -10.81
C THR A 292 -17.21 -2.11 -11.31
N SER A 293 -16.81 -1.94 -12.57
CA SER A 293 -16.53 -0.61 -13.08
C SER A 293 -16.78 -0.56 -14.59
N VAL A 294 -17.22 0.62 -15.05
CA VAL A 294 -17.52 0.88 -16.46
C VAL A 294 -16.99 2.28 -16.80
N SER A 295 -16.34 2.41 -17.96
CA SER A 295 -15.91 3.72 -18.44
C SER A 295 -15.84 3.70 -19.96
N PHE A 296 -15.76 4.90 -20.54
CA PHE A 296 -15.86 5.09 -21.98
C PHE A 296 -14.68 5.87 -22.53
N SER A 297 -14.41 5.68 -23.81
CA SER A 297 -13.42 6.51 -24.48
C SER A 297 -14.02 7.86 -24.85
N LYS A 298 -13.14 8.78 -25.26
CA LYS A 298 -13.59 10.10 -25.64
C LYS A 298 -14.31 10.09 -26.99
N SER A 299 -13.91 9.18 -27.88
CA SER A 299 -14.55 9.10 -29.18
C SER A 299 -15.47 7.89 -29.33
N GLY A 300 -15.85 7.24 -28.24
CA GLY A 300 -16.62 6.03 -28.42
C GLY A 300 -15.72 4.92 -28.96
N ARG A 301 -16.37 3.92 -29.59
CA ARG A 301 -15.71 2.75 -30.18
C ARG A 301 -14.87 1.99 -29.15
N LEU A 302 -15.29 2.07 -27.88
CA LEU A 302 -14.54 1.51 -26.77
C LEU A 302 -15.44 1.50 -25.56
N LEU A 303 -15.18 0.55 -24.66
CA LEU A 303 -15.90 0.40 -23.40
C LEU A 303 -14.97 -0.36 -22.48
N LEU A 304 -14.36 0.34 -21.54
CA LEU A 304 -13.47 -0.30 -20.59
C LEU A 304 -14.29 -0.79 -19.41
N ALA A 305 -14.03 -2.01 -18.96
CA ALA A 305 -14.89 -2.64 -17.98
C ALA A 305 -14.08 -3.53 -17.06
N GLY A 306 -14.19 -3.28 -15.76
CA GLY A 306 -13.62 -4.18 -14.79
C GLY A 306 -14.47 -5.42 -14.59
N TYR A 307 -13.85 -6.45 -14.02
CA TYR A 307 -14.52 -7.74 -13.87
C TYR A 307 -14.03 -8.44 -12.61
N ASP A 308 -14.84 -9.41 -12.16
CA ASP A 308 -14.58 -10.27 -11.00
C ASP A 308 -13.58 -11.38 -11.31
N ASP A 309 -13.14 -11.50 -12.56
CA ASP A 309 -12.18 -12.52 -13.00
C ASP A 309 -10.73 -12.09 -12.80
N PHE A 310 -10.51 -11.07 -11.97
CA PHE A 310 -9.23 -10.45 -11.64
C PHE A 310 -8.58 -9.78 -12.84
N ASN A 311 -9.29 -9.61 -13.96
CA ASN A 311 -8.76 -8.90 -15.11
C ASN A 311 -9.78 -7.88 -15.61
N CYS A 312 -9.29 -6.81 -16.21
CA CYS A 312 -10.14 -5.89 -16.93
C CYS A 312 -10.25 -6.31 -18.40
N ASN A 313 -11.38 -5.93 -19.00
CA ASN A 313 -11.60 -6.21 -20.40
C ASN A 313 -12.11 -4.95 -21.09
N VAL A 314 -11.76 -4.82 -22.36
CA VAL A 314 -12.22 -3.72 -23.19
C VAL A 314 -13.07 -4.29 -24.31
N TRP A 315 -14.32 -3.83 -24.37
CA TRP A 315 -15.28 -4.23 -25.39
C TRP A 315 -15.46 -3.07 -26.34
N ASP A 316 -15.73 -3.33 -27.61
CA ASP A 316 -16.07 -2.25 -28.52
C ASP A 316 -17.42 -1.67 -28.12
N ALA A 317 -17.57 -0.35 -28.22
CA ALA A 317 -18.83 0.28 -27.86
C ALA A 317 -19.93 -0.13 -28.82
N LEU A 318 -19.61 -0.22 -30.11
CA LEU A 318 -20.64 -0.49 -31.11
C LEU A 318 -20.88 -1.98 -31.27
N LYS A 319 -19.83 -2.81 -31.17
CA LYS A 319 -19.92 -4.22 -31.51
C LYS A 319 -19.58 -5.18 -30.39
N ALA A 320 -18.85 -4.73 -29.35
CA ALA A 320 -18.46 -5.54 -28.18
C ALA A 320 -17.66 -6.78 -28.57
N ASP A 321 -16.70 -6.62 -29.46
CA ASP A 321 -15.76 -7.71 -29.66
C ASP A 321 -14.73 -7.71 -28.53
N ARG A 322 -13.94 -8.77 -28.48
CA ARG A 322 -12.86 -8.90 -27.51
C ARG A 322 -11.61 -8.14 -27.99
N ALA A 323 -11.74 -6.82 -28.02
CA ALA A 323 -10.68 -5.98 -28.59
C ALA A 323 -9.46 -5.94 -27.70
N GLY A 324 -9.67 -5.78 -26.39
CA GLY A 324 -8.55 -5.65 -25.47
C GLY A 324 -8.65 -6.52 -24.23
N VAL A 325 -7.65 -7.36 -24.02
CA VAL A 325 -7.55 -8.20 -22.84
C VAL A 325 -6.53 -7.54 -21.92
N LEU A 326 -6.92 -7.29 -20.67
CA LEU A 326 -6.16 -6.44 -19.77
C LEU A 326 -5.98 -7.19 -18.45
N ALA A 327 -4.81 -7.81 -18.26
CA ALA A 327 -4.65 -8.78 -17.17
C ALA A 327 -3.50 -8.44 -16.23
N GLY A 328 -3.20 -7.15 -16.03
CA GLY A 328 -2.06 -6.79 -15.20
C GLY A 328 -2.31 -6.98 -13.71
N HIS A 329 -3.49 -6.57 -13.24
CA HIS A 329 -3.75 -6.56 -11.80
C HIS A 329 -4.04 -7.95 -11.29
N ASP A 330 -3.49 -8.28 -10.12
CA ASP A 330 -3.71 -9.60 -9.53
C ASP A 330 -5.04 -9.64 -8.78
N ASN A 331 -5.52 -8.50 -8.33
CA ASN A 331 -6.70 -8.44 -7.47
C ASN A 331 -7.88 -7.86 -8.25
N ARG A 332 -9.07 -8.00 -7.65
CA ARG A 332 -10.32 -7.42 -8.12
C ARG A 332 -10.19 -5.94 -8.43
N VAL A 333 -10.51 -5.59 -9.67
CA VAL A 333 -10.36 -4.24 -10.18
C VAL A 333 -11.48 -3.39 -9.56
N SER A 334 -11.17 -2.75 -8.44
CA SER A 334 -12.22 -1.99 -7.71
C SER A 334 -12.69 -0.78 -8.53
N CYS A 335 -11.74 0.04 -9.01
CA CYS A 335 -12.13 1.29 -9.73
C CYS A 335 -11.44 1.35 -11.10
N LEU A 336 -12.14 1.85 -12.10
CA LEU A 336 -11.55 2.04 -13.45
C LEU A 336 -11.91 3.44 -13.94
N GLY A 337 -10.90 4.27 -14.21
CA GLY A 337 -11.17 5.67 -14.62
C GLY A 337 -10.44 6.05 -15.89
N VAL A 338 -11.06 6.91 -16.71
CA VAL A 338 -10.41 7.39 -17.96
C VAL A 338 -10.32 8.92 -17.88
N THR A 339 -9.23 9.49 -18.41
CA THR A 339 -9.04 10.92 -18.34
C THR A 339 -10.01 11.63 -19.29
N ASP A 340 -10.29 12.91 -18.99
CA ASP A 340 -11.30 13.63 -19.74
C ASP A 340 -10.85 13.92 -21.17
N ASP A 341 -9.54 13.89 -21.43
CA ASP A 341 -9.08 13.96 -22.81
C ASP A 341 -8.79 12.57 -23.37
N GLY A 342 -8.49 11.61 -22.50
CA GLY A 342 -8.54 10.22 -22.87
C GLY A 342 -7.24 9.55 -23.29
N MET A 343 -6.07 10.07 -22.86
CA MET A 343 -4.82 9.42 -23.28
C MET A 343 -4.65 8.06 -22.64
N ALA A 344 -5.03 7.92 -21.37
CA ALA A 344 -4.67 6.74 -20.60
C ALA A 344 -5.86 6.27 -19.79
N VAL A 345 -5.80 5.00 -19.40
CA VAL A 345 -6.76 4.41 -18.48
C VAL A 345 -6.02 4.06 -17.20
N ALA A 346 -6.65 4.40 -16.07
CA ALA A 346 -6.11 4.12 -14.75
C ALA A 346 -6.96 3.04 -14.09
N THR A 347 -6.29 2.07 -13.47
CA THR A 347 -6.94 0.93 -12.86
C THR A 347 -6.46 0.77 -11.43
N GLY A 348 -7.41 0.61 -10.51
CA GLY A 348 -7.11 0.45 -9.10
C GLY A 348 -7.86 -0.72 -8.50
N SER A 349 -7.23 -1.32 -7.50
CA SER A 349 -7.66 -2.59 -6.94
C SER A 349 -7.23 -2.67 -5.48
N TRP A 350 -7.71 -3.71 -4.79
CA TRP A 350 -7.33 -3.87 -3.39
C TRP A 350 -5.99 -4.59 -3.22
N ASP A 351 -5.19 -4.79 -4.28
CA ASP A 351 -3.81 -5.30 -4.10
C ASP A 351 -2.82 -4.23 -3.80
N SER A 352 -3.33 -3.07 -3.37
CA SER A 352 -2.56 -1.90 -2.95
C SER A 352 -1.90 -1.19 -4.11
N PHE A 353 -2.19 -1.58 -5.35
CA PHE A 353 -1.47 -1.09 -6.52
C PHE A 353 -2.40 -0.26 -7.40
N LEU A 354 -1.84 0.82 -7.95
CA LEU A 354 -2.52 1.64 -8.94
C LEU A 354 -1.67 1.60 -10.21
N LYS A 355 -2.31 1.37 -11.36
CA LYS A 355 -1.57 1.19 -12.60
C LYS A 355 -2.23 1.93 -13.76
N ILE A 356 -1.41 2.63 -14.56
CA ILE A 356 -1.90 3.43 -15.69
C ILE A 356 -1.32 2.87 -16.98
N TRP A 357 -2.22 2.57 -17.93
CA TRP A 357 -1.81 1.89 -19.15
C TRP A 357 -2.21 2.76 -20.35
N ASN A 358 -1.76 2.34 -21.53
CA ASN A 358 -1.98 3.09 -22.77
C ASN A 358 -1.93 2.11 -23.94
N SER B 4 -47.24 -1.55 4.65
CA SER B 4 -46.58 -1.33 3.36
C SER B 4 -47.57 -0.80 2.33
N ILE B 5 -48.80 -0.55 2.80
CA ILE B 5 -49.87 -0.11 1.92
C ILE B 5 -49.62 1.32 1.44
N ALA B 6 -49.11 2.17 2.33
CA ALA B 6 -48.88 3.58 2.01
C ALA B 6 -47.76 3.80 0.98
N GLN B 7 -46.72 2.95 1.01
CA GLN B 7 -45.54 3.14 0.16
C GLN B 7 -45.88 3.11 -1.32
N ALA B 8 -46.92 2.36 -1.70
CA ALA B 8 -47.33 2.29 -3.09
C ALA B 8 -47.89 3.61 -3.62
N ARG B 9 -48.50 4.43 -2.75
CA ARG B 9 -49.24 5.61 -3.21
C ARG B 9 -48.35 6.58 -3.95
N LYS B 10 -47.33 7.10 -3.26
CA LYS B 10 -46.33 7.96 -3.89
C LYS B 10 -45.53 7.24 -4.97
N LEU B 11 -45.55 5.90 -4.98
CA LEU B 11 -44.91 5.19 -6.08
C LEU B 11 -45.71 5.34 -7.37
N VAL B 12 -47.05 5.22 -7.31
CA VAL B 12 -47.78 5.10 -8.57
C VAL B 12 -47.92 6.45 -9.25
N GLU B 13 -48.00 7.54 -8.47
CA GLU B 13 -47.89 8.87 -9.06
C GLU B 13 -46.51 9.07 -9.66
N GLN B 14 -45.48 8.48 -9.03
CA GLN B 14 -44.14 8.49 -9.62
C GLN B 14 -44.14 7.75 -10.95
N LEU B 15 -45.03 6.78 -11.15
CA LEU B 15 -45.21 6.21 -12.47
C LEU B 15 -45.95 7.16 -13.38
N LYS B 16 -47.01 7.81 -12.87
CA LYS B 16 -47.84 8.66 -13.71
C LYS B 16 -47.19 9.98 -14.05
N MET B 17 -46.25 10.46 -13.22
CA MET B 17 -45.40 11.57 -13.63
C MET B 17 -44.42 11.19 -14.71
N GLU B 18 -44.21 9.89 -14.95
CA GLU B 18 -43.47 9.42 -16.11
C GLU B 18 -44.41 8.98 -17.23
N ALA B 19 -45.57 9.61 -17.38
CA ALA B 19 -46.33 9.43 -18.60
C ALA B 19 -45.71 10.22 -19.75
N ASN B 20 -45.04 11.33 -19.44
CA ASN B 20 -44.40 12.18 -20.43
C ASN B 20 -42.95 11.72 -20.65
N ILE B 21 -42.83 10.53 -21.21
CA ILE B 21 -41.53 9.98 -21.60
C ILE B 21 -41.16 10.60 -22.94
N ASP B 22 -39.98 11.22 -23.00
CA ASP B 22 -39.43 11.62 -24.28
C ASP B 22 -39.12 10.38 -25.12
N ARG B 23 -39.23 10.51 -26.43
CA ARG B 23 -39.08 9.35 -27.29
C ARG B 23 -38.08 9.64 -28.41
N ILE B 24 -37.25 8.64 -28.72
CA ILE B 24 -36.41 8.63 -29.90
C ILE B 24 -36.52 7.24 -30.54
N LYS B 25 -35.88 7.07 -31.69
CA LYS B 25 -35.78 5.79 -32.34
C LYS B 25 -34.41 5.20 -32.04
N VAL B 26 -34.36 3.88 -31.78
CA VAL B 26 -33.14 3.24 -31.31
C VAL B 26 -32.08 3.25 -32.40
N SER B 27 -32.49 3.22 -33.66
CA SER B 27 -31.54 3.38 -34.76
C SER B 27 -31.00 4.80 -34.80
N LYS B 28 -31.86 5.79 -34.56
CA LYS B 28 -31.36 7.17 -34.46
C LYS B 28 -30.61 7.40 -33.16
N ALA B 29 -30.99 6.67 -32.11
CA ALA B 29 -30.23 6.71 -30.86
C ALA B 29 -28.81 6.20 -31.04
N ALA B 30 -28.65 5.12 -31.80
CA ALA B 30 -27.31 4.63 -32.14
C ALA B 30 -26.66 5.52 -33.20
N ALA B 31 -27.46 6.24 -33.98
CA ALA B 31 -26.89 7.19 -34.94
C ALA B 31 -26.20 8.33 -34.21
N ASP B 32 -26.77 8.77 -33.08
CA ASP B 32 -26.07 9.70 -32.19
C ASP B 32 -24.74 9.11 -31.74
N LEU B 33 -24.73 7.83 -31.37
CA LEU B 33 -23.53 7.17 -30.89
C LEU B 33 -22.44 7.13 -31.96
N MET B 34 -22.81 6.77 -33.19
CA MET B 34 -21.81 6.65 -34.24
C MET B 34 -21.36 8.03 -34.74
N ALA B 35 -22.29 8.98 -34.84
CA ALA B 35 -21.94 10.31 -35.33
C ALA B 35 -21.11 11.09 -34.34
N TYR B 36 -21.18 10.76 -33.06
CA TYR B 36 -20.29 11.38 -32.09
C TYR B 36 -18.84 10.89 -32.23
N CYS B 37 -18.61 9.74 -32.87
CA CYS B 37 -17.29 9.13 -32.88
C CYS B 37 -16.29 9.93 -33.69
N GLU B 38 -16.63 10.28 -34.93
CA GLU B 38 -15.67 10.92 -35.83
C GLU B 38 -15.38 12.37 -35.44
N ALA B 39 -16.24 12.98 -34.62
CA ALA B 39 -15.98 14.33 -34.15
C ALA B 39 -14.74 14.38 -33.26
N HIS B 40 -14.55 13.38 -32.41
CA HIS B 40 -13.42 13.34 -31.49
C HIS B 40 -12.42 12.25 -31.85
N ALA B 41 -12.62 11.55 -32.97
CA ALA B 41 -11.71 10.48 -33.36
C ALA B 41 -10.34 11.01 -33.78
N LYS B 42 -10.24 12.28 -34.16
CA LYS B 42 -8.94 12.87 -34.49
C LYS B 42 -8.07 13.11 -33.27
N GLU B 43 -8.65 13.06 -32.06
CA GLU B 43 -7.90 13.23 -30.82
C GLU B 43 -7.96 11.94 -29.97
N ASP B 44 -8.63 10.90 -30.47
CA ASP B 44 -8.68 9.62 -29.77
C ASP B 44 -7.32 8.92 -29.91
N PRO B 45 -6.62 8.71 -28.81
CA PRO B 45 -5.33 8.00 -28.85
C PRO B 45 -5.41 6.51 -28.56
N LEU B 46 -6.59 5.92 -28.56
CA LEU B 46 -6.75 4.49 -28.34
C LEU B 46 -6.88 3.73 -29.65
N LEU B 47 -7.74 4.20 -30.54
CA LEU B 47 -7.84 3.63 -31.88
C LEU B 47 -6.87 4.28 -32.85
N THR B 48 -6.51 5.54 -32.63
CA THR B 48 -5.52 6.25 -33.44
C THR B 48 -4.47 6.81 -32.49
N PRO B 49 -3.55 5.96 -32.00
CA PRO B 49 -2.61 6.39 -30.96
C PRO B 49 -1.65 7.48 -31.44
N VAL B 50 -1.41 8.44 -30.56
CA VAL B 50 -0.54 9.57 -30.89
C VAL B 50 0.91 9.09 -30.98
N PRO B 51 1.63 9.43 -32.03
CA PRO B 51 3.05 9.07 -32.12
C PRO B 51 3.88 9.79 -31.07
N ALA B 52 5.16 9.38 -31.00
CA ALA B 52 6.01 9.69 -29.84
C ALA B 52 6.23 11.18 -29.63
N SER B 53 6.33 11.94 -30.72
CA SER B 53 6.58 13.38 -30.61
C SER B 53 5.38 14.11 -30.01
N GLU B 54 4.17 13.75 -30.42
CA GLU B 54 2.97 14.33 -29.83
C GLU B 54 2.53 13.60 -28.57
N ASN B 55 3.15 12.47 -28.25
CA ASN B 55 2.81 11.71 -27.06
C ASN B 55 3.66 12.20 -25.90
N PRO B 56 3.06 12.74 -24.83
CA PRO B 56 3.81 13.11 -23.63
C PRO B 56 3.89 12.02 -22.57
N PHE B 57 3.42 10.80 -22.88
CA PHE B 57 3.38 9.71 -21.87
C PHE B 57 4.57 8.76 -22.04
N ARG B 58 5.69 9.25 -22.56
CA ARG B 58 6.89 8.44 -22.72
C ARG B 58 8.01 8.87 -21.77
N ASP C 1 -4.62 34.39 8.92
CA ASP C 1 -4.10 33.57 7.83
C ASP C 1 -2.73 32.98 8.19
N VAL C 2 -1.66 33.71 7.87
CA VAL C 2 -0.31 33.27 8.18
C VAL C 2 0.41 34.40 8.93
N GLN C 3 1.48 34.02 9.62
CA GLN C 3 2.29 34.96 10.39
C GLN C 3 3.77 34.60 10.25
N LEU C 4 4.54 35.56 9.74
CA LEU C 4 5.99 35.45 9.60
C LEU C 4 6.62 36.70 10.19
N VAL C 5 7.21 36.59 11.38
CA VAL C 5 7.82 37.72 12.07
C VAL C 5 9.27 37.38 12.35
N GLU C 6 10.18 38.11 11.74
CA GLU C 6 11.60 37.84 11.93
C GLU C 6 12.06 38.39 13.29
N SER C 7 13.17 37.85 13.78
CA SER C 7 13.61 38.06 15.15
C SER C 7 15.04 38.54 15.19
N GLY C 8 15.27 39.72 15.74
CA GLY C 8 16.60 40.20 16.03
C GLY C 8 17.46 40.55 14.83
N GLY C 9 16.93 41.35 13.92
CA GLY C 9 17.72 41.86 12.82
C GLY C 9 18.38 43.19 13.17
N GLY C 10 19.65 43.14 13.56
CA GLY C 10 20.33 44.34 14.01
C GLY C 10 21.78 44.44 13.57
N LEU C 11 22.56 45.20 14.33
CA LEU C 11 23.95 45.46 13.97
C LEU C 11 24.80 44.23 14.26
N VAL C 12 25.73 43.94 13.34
CA VAL C 12 26.63 42.79 13.43
C VAL C 12 28.05 43.28 13.17
N GLN C 13 28.99 42.85 14.01
CA GLN C 13 30.39 43.18 13.80
C GLN C 13 30.89 42.57 12.49
N PRO C 14 31.82 43.23 11.80
CA PRO C 14 32.26 42.72 10.50
C PRO C 14 33.03 41.39 10.61
N GLY C 15 32.59 40.41 9.82
CA GLY C 15 33.17 39.08 9.85
C GLY C 15 32.63 38.18 10.94
N GLY C 16 31.70 38.65 11.77
CA GLY C 16 31.18 37.88 12.88
C GLY C 16 30.02 37.00 12.49
N SER C 17 29.33 36.48 13.49
CA SER C 17 28.19 35.60 13.26
C SER C 17 27.01 36.04 14.13
N ARG C 18 25.82 35.74 13.64
CA ARG C 18 24.60 36.14 14.34
C ARG C 18 23.45 35.24 13.91
N LYS C 19 22.68 34.78 14.90
CA LYS C 19 21.50 33.96 14.66
C LYS C 19 20.32 34.85 14.28
N LEU C 20 19.74 34.61 13.10
CA LEU C 20 18.50 35.26 12.70
C LEU C 20 17.46 34.17 12.51
N SER C 21 16.19 34.52 12.72
CA SER C 21 15.16 33.48 12.72
C SER C 21 13.81 34.15 12.45
N CYS C 22 13.02 33.54 11.58
CA CYS C 22 11.67 34.04 11.34
C CYS C 22 10.70 33.19 12.15
N SER C 23 10.20 33.76 13.25
CA SER C 23 9.15 33.14 14.03
C SER C 23 7.90 32.97 13.18
N ALA C 24 7.34 31.77 13.22
CA ALA C 24 6.32 31.37 12.28
C ALA C 24 5.11 30.85 13.03
N SER C 25 3.93 31.21 12.54
CA SER C 25 2.71 30.65 13.10
C SER C 25 1.60 30.74 12.07
N GLY C 26 0.64 29.80 12.16
CA GLY C 26 -0.53 29.85 11.33
C GLY C 26 -0.45 29.14 10.00
N PHE C 27 0.49 28.22 9.83
CA PHE C 27 0.59 27.46 8.58
C PHE C 27 1.35 26.18 8.83
N ALA C 28 1.21 25.25 7.90
CA ALA C 28 1.82 23.92 8.01
C ALA C 28 3.27 23.95 7.56
N PHE C 29 4.11 24.58 8.41
CA PHE C 29 5.54 24.72 8.13
C PHE C 29 6.26 23.37 8.11
N SER C 30 5.65 22.35 8.72
CA SER C 30 6.13 20.98 8.58
C SER C 30 6.12 20.53 7.11
N SER C 31 5.09 20.91 6.37
CA SER C 31 4.92 20.50 4.98
C SER C 31 5.36 21.56 3.99
N PHE C 32 5.96 22.66 4.45
CA PHE C 32 6.30 23.78 3.60
C PHE C 32 7.81 23.93 3.47
N GLY C 33 8.28 24.25 2.26
CA GLY C 33 9.68 24.54 2.04
C GLY C 33 9.97 26.01 2.25
N MET C 34 11.21 26.31 2.65
CA MET C 34 11.56 27.66 3.09
C MET C 34 12.78 28.17 2.34
N HIS C 35 12.75 29.45 1.98
CA HIS C 35 13.86 30.13 1.30
C HIS C 35 14.27 31.37 2.08
N TRP C 36 15.38 31.96 1.68
CA TRP C 36 15.80 33.27 2.18
C TRP C 36 16.24 34.14 1.00
N VAL C 37 15.88 35.43 1.05
CA VAL C 37 16.16 36.38 -0.02
C VAL C 37 16.81 37.62 0.57
N ARG C 38 17.92 38.07 -0.03
CA ARG C 38 18.65 39.23 0.42
C ARG C 38 18.21 40.47 -0.35
N GLN C 39 18.18 41.62 0.34
CA GLN C 39 17.87 42.91 -0.27
C GLN C 39 18.93 43.92 0.18
N ALA C 40 19.82 44.28 -0.75
CA ALA C 40 20.82 45.31 -0.52
C ALA C 40 20.12 46.63 -0.24
N PRO C 41 20.72 47.58 0.53
CA PRO C 41 19.97 48.74 1.04
C PRO C 41 19.38 49.66 -0.02
N GLU C 42 19.86 49.56 -1.26
CA GLU C 42 19.28 50.33 -2.35
C GLU C 42 18.64 49.46 -3.42
N LYS C 43 19.43 48.57 -4.04
CA LYS C 43 19.04 47.85 -5.24
C LYS C 43 19.47 46.40 -5.17
N GLY C 44 18.62 45.51 -5.67
CA GLY C 44 19.04 44.15 -5.93
C GLY C 44 18.57 43.09 -4.96
N LEU C 45 17.53 42.36 -5.35
CA LEU C 45 17.16 41.12 -4.71
C LEU C 45 17.92 39.98 -5.39
N GLU C 46 18.48 39.07 -4.60
CA GLU C 46 19.06 37.84 -5.11
C GLU C 46 18.86 36.73 -4.08
N TRP C 47 18.77 35.50 -4.55
CA TRP C 47 18.47 34.38 -3.68
C TRP C 47 19.69 34.01 -2.82
N VAL C 48 19.41 33.48 -1.63
CA VAL C 48 20.47 33.17 -0.67
C VAL C 48 20.53 31.69 -0.37
N ALA C 49 19.47 31.15 0.23
CA ALA C 49 19.51 29.82 0.82
C ALA C 49 18.17 29.15 0.71
N TYR C 50 18.22 27.82 0.71
CA TYR C 50 17.07 26.95 0.60
C TYR C 50 17.15 25.91 1.71
N ILE C 51 16.04 25.66 2.39
CA ILE C 51 15.89 24.47 3.22
C ILE C 51 14.55 23.83 2.87
N SER C 52 14.57 22.52 2.63
CA SER C 52 13.37 21.82 2.19
C SER C 52 12.50 21.45 3.40
N SER C 53 11.35 20.84 3.09
CA SER C 53 10.42 20.41 4.12
C SER C 53 11.02 19.30 4.98
N GLY C 54 11.71 18.36 4.36
CA GLY C 54 12.31 17.25 5.07
C GLY C 54 13.72 17.46 5.57
N SER C 55 14.26 18.68 5.37
CA SER C 55 15.61 19.07 5.81
C SER C 55 16.69 18.15 5.22
N GLY C 56 16.50 17.73 3.98
CA GLY C 56 17.44 16.83 3.34
C GLY C 56 18.33 17.51 2.34
N THR C 57 17.78 18.46 1.60
CA THR C 57 18.51 19.16 0.55
C THR C 57 18.82 20.58 1.01
N ILE C 58 20.08 20.98 0.89
CA ILE C 58 20.56 22.28 1.33
C ILE C 58 21.33 22.91 0.17
N TYR C 59 20.82 24.03 -0.36
CA TYR C 59 21.36 24.67 -1.54
C TYR C 59 21.77 26.10 -1.23
N TYR C 60 23.00 26.46 -1.59
CA TYR C 60 23.60 27.75 -1.26
C TYR C 60 24.03 28.46 -2.54
N ALA C 61 24.42 29.72 -2.40
CA ALA C 61 24.85 30.56 -3.52
C ALA C 61 26.38 30.62 -3.56
N ASP C 62 26.91 31.50 -4.42
CA ASP C 62 28.35 31.53 -4.65
C ASP C 62 29.12 32.06 -3.44
N THR C 63 28.65 33.17 -2.86
CA THR C 63 29.26 33.72 -1.66
C THR C 63 28.62 33.19 -0.38
N VAL C 64 27.65 32.28 -0.50
CA VAL C 64 26.87 31.80 0.63
C VAL C 64 27.41 30.48 1.18
N LYS C 65 28.18 29.72 0.37
CA LYS C 65 28.68 28.41 0.74
C LYS C 65 29.56 28.45 1.98
N GLY C 66 29.27 27.56 2.93
CA GLY C 66 30.06 27.42 4.13
C GLY C 66 29.82 28.48 5.19
N ARG C 67 29.99 29.75 4.81
CA ARG C 67 29.96 30.85 5.77
C ARG C 67 28.58 31.09 6.36
N PHE C 68 27.53 30.56 5.75
CA PHE C 68 26.19 30.64 6.32
C PHE C 68 25.75 29.22 6.70
N THR C 69 24.75 29.14 7.58
CA THR C 69 24.16 27.89 8.04
C THR C 69 22.66 28.13 8.16
N ILE C 70 21.87 27.07 7.98
CA ILE C 70 20.42 27.17 8.10
C ILE C 70 19.93 26.02 8.98
N SER C 71 18.77 26.21 9.61
CA SER C 71 18.23 25.21 10.54
C SER C 71 16.74 25.48 10.74
N ARG C 72 16.06 24.55 11.41
CA ARG C 72 14.62 24.67 11.58
C ARG C 72 14.22 24.01 12.89
N ASP C 73 12.94 24.20 13.26
CA ASP C 73 12.40 23.55 14.45
C ASP C 73 10.91 23.34 14.22
N ASP C 74 10.51 22.07 14.11
CA ASP C 74 9.13 21.70 13.82
C ASP C 74 8.19 21.73 15.04
N PRO C 75 8.54 21.19 16.22
CA PRO C 75 7.58 21.32 17.35
C PRO C 75 7.34 22.76 17.80
N LYS C 76 8.37 23.60 17.80
CA LYS C 76 8.19 25.01 18.13
C LYS C 76 7.82 25.85 16.93
N ASN C 77 7.86 25.27 15.72
CA ASN C 77 7.29 25.84 14.49
C ASN C 77 7.97 27.16 14.11
N THR C 78 9.28 27.09 13.86
CA THR C 78 10.03 28.28 13.47
C THR C 78 11.24 27.86 12.63
N LEU C 79 11.93 28.87 12.10
CA LEU C 79 13.01 28.71 11.12
C LEU C 79 14.21 29.56 11.51
N PHE C 80 15.39 28.95 11.56
CA PHE C 80 16.64 29.60 11.90
C PHE C 80 17.58 29.70 10.69
N LEU C 81 18.44 30.72 10.74
CA LEU C 81 19.52 30.86 9.77
C LEU C 81 20.64 31.63 10.45
N GLN C 82 21.81 31.01 10.54
CA GLN C 82 22.99 31.57 11.16
C GLN C 82 23.90 32.10 10.06
N MET C 83 24.44 33.29 10.23
CA MET C 83 25.35 33.86 9.24
C MET C 83 26.67 34.18 9.92
N THR C 84 27.76 33.66 9.35
CA THR C 84 29.12 33.95 9.77
C THR C 84 29.84 34.69 8.63
N SER C 85 30.93 35.35 9.01
CA SER C 85 31.81 36.10 8.10
C SER C 85 31.03 37.17 7.32
N LEU C 86 30.48 38.12 8.08
CA LEU C 86 29.61 39.14 7.52
C LEU C 86 30.41 40.39 7.13
N ARG C 87 30.30 40.77 5.86
CA ARG C 87 30.93 41.97 5.34
C ARG C 87 29.89 42.85 4.68
N SER C 88 30.33 43.85 3.93
CA SER C 88 29.44 44.87 3.37
C SER C 88 28.42 44.26 2.40
N GLU C 89 28.86 43.34 1.55
CA GLU C 89 27.93 42.67 0.65
C GLU C 89 27.04 41.68 1.41
N ASP C 90 27.52 41.18 2.56
CA ASP C 90 26.69 40.29 3.36
C ASP C 90 25.56 41.04 4.05
N THR C 91 25.70 42.35 4.24
CA THR C 91 24.60 43.15 4.77
C THR C 91 23.49 43.25 3.74
N ALA C 92 22.28 42.89 4.14
CA ALA C 92 21.12 43.01 3.28
C ALA C 92 19.86 42.97 4.14
N MET C 93 18.74 43.28 3.50
CA MET C 93 17.44 43.29 4.16
C MET C 93 16.78 41.94 3.83
N TYR C 94 17.17 40.93 4.58
CA TYR C 94 16.71 39.57 4.33
C TYR C 94 15.24 39.43 4.66
N TYR C 95 14.52 38.69 3.83
CA TYR C 95 13.09 38.44 4.00
C TYR C 95 12.89 36.95 4.17
N CYS C 96 12.19 36.55 5.25
CA CYS C 96 11.86 35.14 5.41
C CYS C 96 10.74 34.76 4.46
N VAL C 97 10.96 33.70 3.69
CA VAL C 97 10.10 33.32 2.58
C VAL C 97 9.66 31.86 2.74
N ARG C 98 8.36 31.62 2.58
CA ARG C 98 7.85 30.26 2.49
C ARG C 98 7.51 29.94 1.04
N SER C 99 7.64 28.67 0.69
CA SER C 99 7.39 28.23 -0.68
C SER C 99 7.14 26.73 -0.67
N ILE C 100 5.91 26.32 -0.91
CA ILE C 100 5.59 24.91 -1.01
C ILE C 100 5.78 24.49 -2.47
N TYR C 101 6.20 23.25 -2.69
CA TYR C 101 6.59 22.78 -4.01
C TYR C 101 5.84 21.51 -4.36
N TYR C 102 5.03 21.59 -5.41
CA TYR C 102 4.39 20.47 -6.11
C TYR C 102 3.86 21.05 -7.42
N TYR C 103 3.03 20.29 -8.12
CA TYR C 103 2.44 20.79 -9.35
C TYR C 103 1.45 21.91 -9.05
N GLY C 104 1.65 23.06 -9.68
CA GLY C 104 0.73 24.17 -9.54
C GLY C 104 0.86 24.94 -8.25
N SER C 105 1.82 24.62 -7.40
CA SER C 105 2.04 25.39 -6.19
C SER C 105 2.61 26.76 -6.53
N SER C 106 2.42 27.71 -5.62
CA SER C 106 2.85 29.09 -5.81
C SER C 106 3.98 29.39 -4.85
N PRO C 107 5.24 29.18 -5.25
CA PRO C 107 6.35 29.47 -4.36
C PRO C 107 6.57 30.98 -4.23
N PHE C 108 7.27 31.36 -3.16
CA PHE C 108 7.60 32.75 -2.84
C PHE C 108 6.35 33.62 -2.71
N ASP C 109 5.31 33.07 -2.07
CA ASP C 109 4.03 33.76 -2.02
C ASP C 109 3.91 34.77 -0.88
N PHE C 110 4.58 34.52 0.24
CA PHE C 110 4.46 35.37 1.42
C PHE C 110 5.85 35.72 1.94
N TRP C 111 5.96 36.92 2.51
CA TRP C 111 7.24 37.46 2.95
C TRP C 111 7.06 38.07 4.34
N GLY C 112 8.18 38.32 5.00
CA GLY C 112 8.19 38.89 6.33
C GLY C 112 8.27 40.40 6.30
N GLN C 113 8.90 40.97 7.33
CA GLN C 113 9.13 42.41 7.41
C GLN C 113 10.57 42.80 7.06
N GLY C 114 11.56 42.08 7.58
CA GLY C 114 12.93 42.32 7.17
C GLY C 114 13.99 42.25 8.25
N THR C 115 15.25 42.12 7.84
CA THR C 115 16.40 42.13 8.73
C THR C 115 17.18 43.42 8.49
N THR C 116 17.14 44.34 9.44
CA THR C 116 17.93 45.57 9.33
C THR C 116 19.35 45.28 9.81
N LEU C 117 20.13 44.65 8.92
CA LEU C 117 21.51 44.27 9.19
C LEU C 117 22.44 45.27 8.52
N THR C 118 23.13 46.07 9.33
CA THR C 118 24.20 46.94 8.85
C THR C 118 25.45 46.64 9.65
N VAL C 119 26.57 46.41 8.97
CA VAL C 119 27.86 46.30 9.65
C VAL C 119 28.51 47.67 9.60
N SER C 120 29.49 47.87 10.50
CA SER C 120 30.25 49.12 10.68
C SER C 120 29.38 50.36 10.84
N SER C 136 28.65 28.54 -15.41
CA SER C 136 28.59 29.76 -14.62
C SER C 136 27.20 29.97 -14.02
N ASP C 137 26.68 31.19 -14.15
CA ASP C 137 25.37 31.55 -13.62
C ASP C 137 24.54 32.18 -14.73
N ILE C 138 23.24 31.89 -14.71
CA ILE C 138 22.32 32.48 -15.67
C ILE C 138 22.17 33.98 -15.41
N VAL C 139 22.26 34.77 -16.47
CA VAL C 139 22.28 36.22 -16.37
C VAL C 139 20.96 36.78 -16.88
N MET C 140 20.26 37.54 -16.04
CA MET C 140 19.00 38.16 -16.41
C MET C 140 19.07 39.64 -16.06
N THR C 141 18.70 40.49 -17.02
CA THR C 141 18.68 41.93 -16.80
C THR C 141 17.46 42.52 -17.49
N GLN C 142 16.70 43.32 -16.76
CA GLN C 142 15.61 44.08 -17.34
C GLN C 142 16.17 45.28 -18.08
N ALA C 143 15.46 45.71 -19.13
CA ALA C 143 15.98 46.69 -20.08
C ALA C 143 16.26 48.03 -19.42
N THR C 144 15.23 48.70 -18.93
CA THR C 144 15.38 49.93 -18.18
C THR C 144 14.82 49.74 -16.78
N SER C 145 15.40 50.44 -15.81
CA SER C 145 14.96 50.34 -14.43
C SER C 145 14.01 51.46 -14.03
N SER C 146 13.63 52.33 -14.96
CA SER C 146 12.78 53.47 -14.65
C SER C 146 11.84 53.73 -15.82
N VAL C 147 10.54 53.72 -15.54
CA VAL C 147 9.52 53.99 -16.56
C VAL C 147 8.51 54.99 -16.00
N PRO C 148 8.44 56.20 -16.57
CA PRO C 148 7.41 57.16 -16.13
C PRO C 148 6.05 56.80 -16.74
N VAL C 149 5.01 56.83 -15.92
CA VAL C 149 3.70 56.33 -16.29
C VAL C 149 2.64 57.40 -16.03
N THR C 150 1.41 57.08 -16.38
CA THR C 150 0.22 57.89 -16.18
C THR C 150 -0.88 56.99 -15.63
N PRO C 151 -1.62 57.44 -14.61
CA PRO C 151 -2.61 56.55 -13.97
C PRO C 151 -3.81 56.25 -14.84
N GLY C 152 -3.67 55.24 -15.71
CA GLY C 152 -4.78 54.85 -16.58
C GLY C 152 -4.38 54.34 -17.95
N GLU C 153 -3.10 54.42 -18.30
CA GLU C 153 -2.63 53.93 -19.60
C GLU C 153 -1.74 52.71 -19.40
N SER C 154 -1.74 51.84 -20.41
CA SER C 154 -1.06 50.55 -20.31
C SER C 154 0.42 50.66 -20.67
N VAL C 155 1.27 50.04 -19.85
CA VAL C 155 2.71 50.01 -20.07
C VAL C 155 3.19 48.57 -20.05
N SER C 156 4.46 48.39 -20.42
CA SER C 156 5.10 47.09 -20.45
C SER C 156 6.55 47.22 -20.02
N ILE C 157 7.05 46.25 -19.26
CA ILE C 157 8.46 46.16 -18.91
C ILE C 157 8.92 44.73 -19.21
N SER C 158 10.19 44.59 -19.58
CA SER C 158 10.71 43.36 -20.15
C SER C 158 11.96 42.93 -19.40
N CYS C 159 11.98 41.68 -18.95
CA CYS C 159 13.20 41.09 -18.42
C CYS C 159 13.86 40.24 -19.50
N ARG C 160 15.12 40.56 -19.80
CA ARG C 160 15.88 39.90 -20.85
C ARG C 160 16.82 38.89 -20.21
N SER C 161 16.54 37.60 -20.40
CA SER C 161 17.41 36.55 -19.92
C SER C 161 18.60 36.38 -20.87
N SER C 162 19.49 35.46 -20.54
CA SER C 162 20.61 35.12 -21.41
C SER C 162 20.51 33.74 -22.04
N LYS C 163 19.79 32.81 -21.41
CA LYS C 163 19.51 31.50 -21.99
C LYS C 163 18.02 31.23 -21.92
N SER C 164 17.55 30.36 -22.80
CA SER C 164 16.14 30.02 -22.87
C SER C 164 15.72 29.21 -21.64
N LEU C 165 14.51 29.47 -21.16
CA LEU C 165 13.99 28.82 -19.97
C LEU C 165 13.05 27.67 -20.28
N LEU C 166 12.89 27.33 -21.55
CA LEU C 166 11.94 26.29 -21.97
C LEU C 166 12.58 24.93 -21.71
N HIS C 167 12.05 24.19 -20.73
CA HIS C 167 12.55 22.87 -20.39
C HIS C 167 12.10 21.85 -21.42
N SER C 168 12.68 20.64 -21.34
CA SER C 168 12.37 19.57 -22.27
C SER C 168 10.91 19.13 -22.16
N ASN C 169 10.30 19.29 -20.98
CA ASN C 169 8.92 18.88 -20.78
C ASN C 169 7.90 19.84 -21.39
N GLY C 170 8.35 20.95 -21.97
CA GLY C 170 7.45 21.87 -22.67
C GLY C 170 6.87 22.96 -21.82
N ASN C 171 7.25 23.07 -20.54
CA ASN C 171 6.74 24.09 -19.65
C ASN C 171 7.91 24.92 -19.12
N THR C 172 7.86 26.23 -19.36
CA THR C 172 8.90 27.13 -18.90
C THR C 172 8.68 27.48 -17.43
N TYR C 173 9.75 27.91 -16.77
CA TYR C 173 9.74 28.20 -15.34
C TYR C 173 10.18 29.66 -15.15
N LEU C 174 9.23 30.53 -14.76
CA LEU C 174 9.47 31.97 -14.77
C LEU C 174 8.52 32.70 -13.84
N TYR C 175 9.04 33.32 -12.77
CA TYR C 175 8.20 33.93 -11.74
C TYR C 175 8.51 35.42 -11.65
N TRP C 176 7.46 36.25 -11.58
CA TRP C 176 7.63 37.70 -11.65
C TRP C 176 7.02 38.38 -10.42
N PHE C 177 7.70 39.42 -9.93
CA PHE C 177 7.42 39.97 -8.60
C PHE C 177 7.19 41.47 -8.65
N LEU C 178 6.34 41.95 -7.75
CA LEU C 178 6.08 43.37 -7.53
C LEU C 178 6.49 43.72 -6.11
N GLN C 179 7.12 44.88 -5.95
CA GLN C 179 7.51 45.41 -4.66
C GLN C 179 6.88 46.78 -4.47
N ARG C 180 5.93 46.88 -3.54
CA ARG C 180 5.23 48.05 -3.02
C ARG C 180 6.15 48.86 -2.12
N PRO C 181 6.09 50.20 -2.14
CA PRO C 181 7.19 51.00 -1.58
C PRO C 181 7.34 50.94 -0.06
N GLY C 182 8.37 50.24 0.39
CA GLY C 182 8.71 50.15 1.79
C GLY C 182 8.25 48.89 2.49
N GLN C 183 7.48 48.03 1.84
CA GLN C 183 6.89 46.88 2.50
C GLN C 183 7.20 45.58 1.77
N SER C 184 6.51 44.50 2.17
CA SER C 184 6.77 43.18 1.62
C SER C 184 6.37 43.11 0.15
N PRO C 185 7.13 42.38 -0.67
CA PRO C 185 6.74 42.22 -2.07
C PRO C 185 5.63 41.21 -2.25
N GLN C 186 5.15 41.08 -3.49
CA GLN C 186 4.13 40.10 -3.82
C GLN C 186 4.58 39.33 -5.06
N LEU C 187 3.83 38.28 -5.38
CA LEU C 187 4.00 37.51 -6.60
C LEU C 187 2.88 37.90 -7.54
N LEU C 188 3.22 38.25 -8.78
CA LEU C 188 2.20 38.60 -9.76
C LEU C 188 1.81 37.40 -10.61
N ILE C 189 2.76 36.86 -11.36
CA ILE C 189 2.50 35.77 -12.28
C ILE C 189 3.61 34.73 -12.17
N TYR C 190 3.22 33.47 -12.12
CA TYR C 190 4.16 32.37 -12.04
C TYR C 190 4.04 31.49 -13.29
N ARG C 191 5.19 30.93 -13.69
CA ARG C 191 5.44 30.15 -14.92
C ARG C 191 4.71 30.72 -16.15
N MET C 192 4.83 32.04 -16.33
CA MET C 192 4.57 32.79 -17.57
C MET C 192 3.07 32.89 -17.92
N SER C 193 2.23 32.13 -17.23
CA SER C 193 0.82 32.04 -17.64
C SER C 193 -0.17 32.12 -16.50
N ASN C 194 0.24 32.04 -15.24
CA ASN C 194 -0.69 31.87 -14.13
C ASN C 194 -0.59 33.06 -13.19
N LEU C 195 -1.64 33.84 -13.10
CA LEU C 195 -1.72 34.94 -12.15
C LEU C 195 -1.83 34.39 -10.73
N ALA C 196 -1.28 35.15 -9.78
CA ALA C 196 -1.33 34.75 -8.38
C ALA C 196 -2.62 35.24 -7.72
N SER C 197 -2.91 34.64 -6.57
CA SER C 197 -4.13 34.96 -5.82
C SER C 197 -4.04 36.34 -5.18
N GLY C 198 -5.19 37.01 -5.06
CA GLY C 198 -5.23 38.33 -4.50
C GLY C 198 -4.64 39.41 -5.39
N VAL C 199 -4.47 39.13 -6.68
CA VAL C 199 -3.82 40.02 -7.62
C VAL C 199 -4.84 40.37 -8.69
N PRO C 200 -5.02 41.64 -9.04
CA PRO C 200 -5.96 41.99 -10.11
C PRO C 200 -5.50 41.48 -11.47
N ASP C 201 -6.48 41.22 -12.35
CA ASP C 201 -6.22 40.63 -13.66
C ASP C 201 -5.54 41.60 -14.62
N ARG C 202 -5.42 42.88 -14.25
CA ARG C 202 -4.82 43.87 -15.13
C ARG C 202 -3.36 43.59 -15.40
N PHE C 203 -2.68 42.91 -14.48
CA PHE C 203 -1.31 42.46 -14.72
C PHE C 203 -1.33 41.14 -15.46
N SER C 204 -0.58 41.05 -16.56
CA SER C 204 -0.50 39.79 -17.29
C SER C 204 0.85 39.70 -17.99
N GLY C 205 1.64 38.69 -17.65
CA GLY C 205 2.90 38.49 -18.34
C GLY C 205 2.71 37.89 -19.71
N SER C 206 3.72 38.04 -20.56
CA SER C 206 3.68 37.52 -21.91
C SER C 206 5.11 37.43 -22.43
N GLY C 207 5.24 36.95 -23.67
CA GLY C 207 6.52 36.86 -24.33
C GLY C 207 6.80 35.47 -24.87
N SER C 208 7.93 35.35 -25.54
CA SER C 208 8.33 34.11 -26.16
C SER C 208 9.05 33.23 -25.14
N GLY C 209 9.68 32.15 -25.61
CA GLY C 209 10.43 31.29 -24.72
C GLY C 209 11.78 31.86 -24.31
N THR C 210 12.23 32.90 -24.99
CA THR C 210 13.49 33.57 -24.68
C THR C 210 13.32 35.04 -24.28
N ALA C 211 12.47 35.79 -24.98
CA ALA C 211 12.18 37.17 -24.65
C ALA C 211 10.86 37.25 -23.89
N PHE C 212 10.85 38.07 -22.83
CA PHE C 212 9.75 38.14 -21.88
C PHE C 212 9.37 39.59 -21.67
N THR C 213 8.08 39.87 -21.47
CA THR C 213 7.64 41.24 -21.19
C THR C 213 6.33 41.27 -20.42
N LEU C 214 6.15 42.32 -19.62
CA LEU C 214 4.94 42.51 -18.84
C LEU C 214 3.82 43.06 -19.71
N THR C 215 2.60 42.99 -19.17
CA THR C 215 1.44 43.68 -19.71
C THR C 215 0.75 44.30 -18.51
N ILE C 216 1.19 45.51 -18.16
CA ILE C 216 0.52 46.34 -17.17
C ILE C 216 -0.57 47.10 -17.91
N SER C 217 -1.81 46.98 -17.44
CA SER C 217 -2.94 47.60 -18.11
C SER C 217 -3.73 48.41 -17.11
N ARG C 218 -4.02 49.68 -17.45
CA ARG C 218 -4.82 50.60 -16.65
C ARG C 218 -4.29 50.73 -15.22
N LEU C 219 -3.01 51.06 -15.12
CA LEU C 219 -2.36 51.19 -13.82
C LEU C 219 -2.95 52.35 -13.04
N GLU C 220 -3.00 52.18 -11.72
CA GLU C 220 -3.51 53.21 -10.83
C GLU C 220 -2.58 53.31 -9.63
N ALA C 221 -2.98 54.11 -8.63
CA ALA C 221 -2.04 54.52 -7.60
C ALA C 221 -1.85 53.48 -6.50
N GLU C 222 -1.63 52.23 -6.88
CA GLU C 222 -1.08 51.21 -5.99
C GLU C 222 -0.06 50.33 -6.70
N ASP C 223 0.16 50.52 -8.00
CA ASP C 223 1.11 49.74 -8.76
C ASP C 223 2.52 50.30 -8.69
N VAL C 224 2.72 51.41 -7.97
CA VAL C 224 4.03 52.05 -7.88
C VAL C 224 4.98 51.16 -7.07
N GLY C 225 6.22 51.05 -7.54
CA GLY C 225 7.21 50.24 -6.87
C GLY C 225 8.20 49.67 -7.86
N VAL C 226 8.97 48.70 -7.42
CA VAL C 226 9.96 48.09 -8.30
C VAL C 226 9.53 46.67 -8.66
N TYR C 227 9.78 46.30 -9.91
CA TYR C 227 9.33 45.03 -10.46
C TYR C 227 10.54 44.16 -10.79
N TYR C 228 10.43 42.86 -10.51
CA TYR C 228 11.54 41.92 -10.62
C TYR C 228 11.12 40.70 -11.43
N CYS C 229 12.13 39.99 -11.93
CA CYS C 229 11.96 38.74 -12.67
C CYS C 229 12.82 37.66 -12.02
N MET C 230 12.51 36.39 -12.30
CA MET C 230 13.36 35.32 -11.80
C MET C 230 13.26 34.11 -12.72
N GLN C 231 14.37 33.36 -12.82
CA GLN C 231 14.39 32.04 -13.44
C GLN C 231 14.21 30.97 -12.38
N HIS C 232 13.67 29.82 -12.77
CA HIS C 232 13.61 28.64 -11.91
C HIS C 232 13.92 27.38 -12.71
N LEU C 233 14.96 27.45 -13.54
CA LEU C 233 15.43 26.30 -14.27
C LEU C 233 16.73 25.72 -13.72
N GLU C 234 17.51 26.51 -13.00
CA GLU C 234 18.70 26.02 -12.33
C GLU C 234 18.60 26.33 -10.85
N TYR C 235 19.20 25.47 -10.03
CA TYR C 235 19.21 25.68 -8.58
C TYR C 235 19.80 27.02 -8.11
N PRO C 236 20.91 27.57 -8.69
CA PRO C 236 21.29 28.94 -8.28
C PRO C 236 20.35 29.99 -8.86
N LEU C 237 19.24 30.23 -8.15
CA LEU C 237 18.27 31.24 -8.56
C LEU C 237 18.87 32.63 -8.40
N THR C 238 18.66 33.48 -9.41
CA THR C 238 19.06 34.88 -9.35
C THR C 238 17.90 35.73 -9.86
N PHE C 239 17.50 36.71 -9.06
CA PHE C 239 16.41 37.60 -9.44
C PHE C 239 16.90 38.61 -10.48
N GLY C 240 15.99 39.49 -10.89
CA GLY C 240 16.35 40.58 -11.76
C GLY C 240 16.92 41.76 -11.01
N ALA C 241 17.29 42.79 -11.77
CA ALA C 241 17.88 43.99 -11.16
C ALA C 241 16.81 44.84 -10.48
N GLY C 242 15.59 44.80 -10.98
CA GLY C 242 14.52 45.63 -10.46
C GLY C 242 14.29 46.85 -11.33
N THR C 243 13.01 47.20 -11.50
CA THR C 243 12.63 48.32 -12.35
C THR C 243 11.63 49.19 -11.62
N LYS C 244 11.96 50.46 -11.42
CA LYS C 244 11.06 51.39 -10.75
C LYS C 244 9.99 51.89 -11.70
N LEU C 245 8.76 51.94 -11.21
CA LEU C 245 7.63 52.45 -11.99
C LEU C 245 7.12 53.69 -11.28
N GLU C 246 7.76 54.82 -11.55
CA GLU C 246 7.41 56.08 -10.91
C GLU C 246 6.30 56.77 -11.68
N LEU C 247 5.55 57.61 -10.96
CA LEU C 247 4.39 58.28 -11.53
C LEU C 247 4.77 59.47 -12.40
N SER D 167 43.83 -49.07 -3.50
CA SER D 167 43.12 -49.02 -2.23
C SER D 167 42.56 -47.62 -1.95
N PHE D 168 43.42 -46.72 -1.48
CA PHE D 168 43.00 -45.33 -1.18
C PHE D 168 42.63 -44.63 -2.48
N GLU D 169 43.40 -44.85 -3.56
CA GLU D 169 43.17 -44.12 -4.80
C GLU D 169 41.86 -44.54 -5.47
N GLU D 170 41.52 -45.84 -5.41
CA GLU D 170 40.31 -46.30 -6.08
C GLU D 170 39.07 -45.95 -5.28
N SER D 171 39.15 -46.03 -3.95
CA SER D 171 38.04 -45.63 -3.11
C SER D 171 37.79 -44.13 -3.21
N ARG D 172 38.88 -43.35 -3.27
CA ARG D 172 38.75 -41.91 -3.47
C ARG D 172 38.14 -41.59 -4.83
N ILE D 173 38.54 -42.31 -5.88
CA ILE D 173 38.04 -41.98 -7.21
C ILE D 173 36.57 -42.40 -7.36
N VAL D 174 36.16 -43.51 -6.75
CA VAL D 174 34.74 -43.87 -6.84
C VAL D 174 33.90 -42.96 -5.96
N LEU D 175 34.47 -42.48 -4.84
CA LEU D 175 33.76 -41.53 -4.01
C LEU D 175 33.55 -40.22 -4.75
N VAL D 176 34.55 -39.75 -5.50
CA VAL D 176 34.37 -38.48 -6.18
C VAL D 176 33.52 -38.63 -7.45
N VAL D 177 33.46 -39.85 -8.02
CA VAL D 177 32.46 -40.13 -9.05
C VAL D 177 31.05 -40.02 -8.46
N VAL D 178 30.84 -40.58 -7.27
CA VAL D 178 29.54 -40.45 -6.60
C VAL D 178 29.27 -38.99 -6.20
N TYR D 179 30.33 -38.22 -5.93
CA TYR D 179 30.19 -36.79 -5.71
C TYR D 179 29.63 -36.09 -6.95
N SER D 180 30.17 -36.43 -8.12
CA SER D 180 29.67 -35.88 -9.37
C SER D 180 28.21 -36.29 -9.61
N ALA D 181 27.87 -37.55 -9.31
CA ALA D 181 26.49 -38.02 -9.47
C ALA D 181 25.53 -37.29 -8.55
N VAL D 182 25.92 -37.09 -7.29
CA VAL D 182 25.10 -36.38 -6.31
C VAL D 182 24.91 -34.93 -6.74
N CYS D 183 25.97 -34.31 -7.28
CA CYS D 183 25.86 -32.94 -7.77
C CYS D 183 24.92 -32.84 -8.94
N THR D 184 25.00 -33.78 -9.89
CA THR D 184 24.10 -33.75 -11.05
C THR D 184 22.65 -33.95 -10.63
N LEU D 185 22.43 -34.84 -9.65
CA LEU D 185 21.07 -35.03 -9.15
C LEU D 185 20.58 -33.86 -8.31
N GLY D 186 21.48 -33.07 -7.74
CA GLY D 186 21.07 -32.04 -6.81
C GLY D 186 21.04 -30.60 -7.30
N VAL D 187 21.77 -30.26 -8.36
CA VAL D 187 21.86 -28.85 -8.79
C VAL D 187 20.55 -28.16 -9.19
N PRO D 188 19.63 -28.75 -9.98
CA PRO D 188 18.46 -27.95 -10.40
C PRO D 188 17.52 -27.63 -9.24
N ALA D 189 17.51 -28.46 -8.19
CA ALA D 189 16.65 -28.23 -7.04
C ALA D 189 17.05 -26.95 -6.30
N ASN D 190 18.35 -26.76 -6.08
CA ASN D 190 18.77 -25.55 -5.36
C ASN D 190 18.72 -24.33 -6.26
N CYS D 191 19.00 -24.53 -7.56
CA CYS D 191 18.85 -23.44 -8.53
C CYS D 191 17.40 -22.95 -8.60
N LEU D 192 16.42 -23.86 -8.55
CA LEU D 192 15.02 -23.44 -8.54
C LEU D 192 14.62 -22.91 -7.16
N THR D 193 15.29 -23.38 -6.10
CA THR D 193 15.00 -22.96 -4.73
C THR D 193 15.22 -21.46 -4.56
N ALA D 194 16.32 -20.96 -5.12
CA ALA D 194 16.59 -19.53 -5.08
C ALA D 194 15.47 -18.71 -5.73
N TRP D 195 14.99 -19.18 -6.89
CA TRP D 195 13.92 -18.48 -7.60
C TRP D 195 12.59 -18.52 -6.83
N LEU D 196 12.28 -19.64 -6.17
CA LEU D 196 11.04 -19.69 -5.40
C LEU D 196 11.11 -18.79 -4.17
N ALA D 197 12.30 -18.68 -3.59
CA ALA D 197 12.49 -17.74 -2.48
C ALA D 197 12.29 -16.30 -2.96
N LEU D 198 12.77 -15.96 -4.15
CA LEU D 198 12.44 -14.67 -4.75
C LEU D 198 10.96 -14.56 -5.10
N LEU D 199 10.29 -15.67 -5.38
CA LEU D 199 8.85 -15.67 -5.66
C LEU D 199 8.03 -15.31 -4.43
N GLN D 200 8.49 -15.65 -3.23
CA GLN D 200 7.73 -15.32 -2.03
C GLN D 200 8.17 -13.99 -1.38
N VAL D 201 9.30 -13.41 -1.81
CA VAL D 201 9.93 -12.31 -1.06
C VAL D 201 9.07 -11.04 -1.07
N LEU D 202 8.18 -10.91 -2.06
CA LEU D 202 7.30 -9.74 -2.10
C LEU D 202 6.25 -9.83 -1.00
N GLN D 203 5.48 -10.91 -0.97
CA GLN D 203 4.59 -11.20 0.16
C GLN D 203 5.30 -12.15 1.11
N GLY D 204 6.36 -11.63 1.73
CA GLY D 204 7.28 -12.45 2.48
C GLY D 204 7.42 -12.02 3.93
N ASN D 205 7.60 -13.02 4.78
CA ASN D 205 7.87 -12.85 6.20
C ASN D 205 9.38 -12.86 6.42
N VAL D 206 9.82 -12.99 7.69
CA VAL D 206 11.23 -13.14 8.02
C VAL D 206 11.81 -14.46 7.54
N LEU D 207 11.06 -15.56 7.66
CA LEU D 207 11.54 -16.86 7.24
C LEU D 207 11.73 -16.96 5.73
N ALA D 208 10.96 -16.16 4.97
CA ALA D 208 11.09 -16.17 3.51
C ALA D 208 12.47 -15.68 3.07
N VAL D 209 12.89 -14.51 3.58
CA VAL D 209 14.19 -13.97 3.19
C VAL D 209 15.32 -14.75 3.86
N TYR D 210 15.04 -15.42 4.99
CA TYR D 210 16.06 -16.23 5.63
C TYR D 210 16.34 -17.50 4.82
N LEU D 211 15.29 -18.12 4.29
CA LEU D 211 15.49 -19.25 3.39
C LEU D 211 16.00 -18.78 2.02
N LEU D 212 15.75 -17.52 1.66
CA LEU D 212 16.40 -16.93 0.48
C LEU D 212 17.91 -16.84 0.67
N CYS D 213 18.35 -16.35 1.82
CA CYS D 213 19.78 -16.28 2.10
C CYS D 213 20.39 -17.66 2.26
N LEU D 214 19.61 -18.62 2.77
CA LEU D 214 20.08 -20.01 2.83
C LEU D 214 20.26 -20.58 1.43
N ALA D 215 19.34 -20.27 0.51
CA ALA D 215 19.50 -20.71 -0.87
C ALA D 215 20.68 -20.03 -1.53
N LEU D 216 20.89 -18.75 -1.22
CA LEU D 216 22.02 -18.02 -1.79
C LEU D 216 23.35 -18.45 -1.15
N CYS D 217 23.30 -19.11 0.00
CA CYS D 217 24.49 -19.72 0.59
C CYS D 217 24.64 -21.19 0.25
N GLU D 218 23.76 -21.74 -0.58
CA GLU D 218 23.77 -23.15 -0.92
C GLU D 218 24.07 -23.32 -2.41
N LEU D 219 24.69 -24.47 -2.73
CA LEU D 219 25.12 -24.99 -4.04
C LEU D 219 26.37 -24.32 -4.60
N LEU D 220 26.87 -23.23 -4.02
CA LEU D 220 28.06 -22.62 -4.59
C LEU D 220 29.27 -23.52 -4.37
N TYR D 221 29.58 -23.84 -3.11
CA TYR D 221 30.59 -24.86 -2.90
C TYR D 221 30.09 -26.25 -3.29
N THR D 222 28.82 -26.56 -3.03
CA THR D 222 28.31 -27.91 -3.27
C THR D 222 28.34 -28.23 -4.76
N GLY D 223 28.09 -27.23 -5.59
CA GLY D 223 28.29 -27.41 -7.03
C GLY D 223 29.74 -27.37 -7.45
N THR D 224 30.52 -26.44 -6.89
CA THR D 224 31.91 -26.28 -7.42
C THR D 224 32.86 -27.36 -6.89
N LEU D 225 32.50 -28.07 -5.82
CA LEU D 225 33.38 -29.18 -5.35
C LEU D 225 33.58 -30.19 -6.49
N PRO D 226 32.53 -30.77 -7.12
CA PRO D 226 32.72 -31.66 -8.28
C PRO D 226 33.38 -30.99 -9.49
N LEU D 227 33.34 -29.65 -9.59
CA LEU D 227 34.05 -28.99 -10.67
C LEU D 227 35.55 -29.27 -10.60
N TRP D 228 36.17 -29.04 -9.44
CA TRP D 228 37.60 -29.32 -9.30
C TRP D 228 37.86 -30.82 -9.17
N VAL D 229 36.83 -31.60 -8.82
CA VAL D 229 36.93 -33.05 -8.97
C VAL D 229 37.12 -33.44 -10.43
N ILE D 230 36.26 -32.94 -11.31
CA ILE D 230 36.33 -33.44 -12.69
C ILE D 230 37.41 -32.71 -13.48
N TYR D 231 37.89 -31.57 -12.97
CA TYR D 231 39.09 -30.95 -13.52
C TYR D 231 40.28 -31.90 -13.40
N ILE D 232 40.64 -32.22 -12.16
CA ILE D 232 41.62 -33.24 -11.85
C ILE D 232 41.03 -34.14 -10.77
N ARG D 233 40.88 -35.42 -11.06
CA ARG D 233 40.36 -36.39 -10.09
C ARG D 233 41.35 -36.47 -8.94
N ASN D 234 40.96 -35.92 -7.79
CA ASN D 234 41.90 -35.52 -6.75
C ASN D 234 42.65 -36.69 -6.15
N GLN D 235 43.92 -36.77 -6.52
CA GLN D 235 44.93 -37.56 -5.82
C GLN D 235 46.04 -36.62 -5.35
N HIS D 236 45.60 -35.49 -4.79
CA HIS D 236 46.44 -34.36 -4.37
C HIS D 236 47.25 -33.77 -5.52
N ARG D 237 46.64 -33.68 -6.70
CA ARG D 237 47.26 -32.99 -7.83
C ARG D 237 46.68 -31.59 -7.94
N TRP D 238 47.55 -30.60 -8.11
CA TRP D 238 47.16 -29.20 -8.12
C TRP D 238 47.75 -28.51 -9.34
N THR D 239 47.01 -28.52 -10.45
CA THR D 239 47.46 -27.82 -11.65
C THR D 239 47.31 -26.32 -11.52
N LEU D 240 46.42 -25.85 -10.64
CA LEU D 240 46.23 -24.44 -10.44
C LEU D 240 47.32 -23.90 -9.51
N GLY D 241 47.30 -22.58 -9.29
CA GLY D 241 48.29 -21.97 -8.45
C GLY D 241 48.04 -22.09 -6.96
N LEU D 242 47.04 -22.88 -6.57
CA LEU D 242 46.55 -23.20 -5.22
C LEU D 242 45.78 -22.03 -4.62
N LEU D 243 45.74 -20.86 -5.27
CA LEU D 243 44.90 -19.75 -4.82
C LEU D 243 43.43 -20.12 -4.85
N ALA D 244 43.01 -20.85 -5.88
CA ALA D 244 41.66 -21.37 -5.95
C ALA D 244 41.38 -22.46 -4.93
N CYS D 245 42.40 -23.20 -4.48
CA CYS D 245 42.16 -24.20 -3.42
C CYS D 245 42.00 -23.53 -2.05
N LYS D 246 42.72 -22.43 -1.81
CA LYS D 246 42.52 -21.70 -0.57
C LYS D 246 41.18 -20.98 -0.57
N VAL D 247 40.82 -20.39 -1.72
CA VAL D 247 39.49 -19.78 -1.88
C VAL D 247 38.41 -20.86 -1.76
N THR D 248 38.70 -22.06 -2.28
CA THR D 248 37.84 -23.22 -2.18
C THR D 248 37.53 -23.58 -0.73
N ALA D 249 38.58 -23.68 0.09
CA ALA D 249 38.41 -24.00 1.50
C ALA D 249 37.65 -22.90 2.22
N TYR D 250 37.96 -21.63 1.89
CA TYR D 250 37.24 -20.50 2.46
C TYR D 250 35.76 -20.55 2.16
N ILE D 251 35.39 -20.98 0.96
CA ILE D 251 33.98 -21.14 0.63
C ILE D 251 33.35 -22.30 1.39
N PHE D 252 34.03 -23.47 1.45
CA PHE D 252 33.43 -24.67 2.03
C PHE D 252 33.16 -24.52 3.52
N PHE D 253 34.18 -24.11 4.27
CA PHE D 253 34.04 -24.02 5.73
C PHE D 253 33.03 -22.95 6.13
N CYS D 254 33.08 -21.80 5.43
CA CYS D 254 32.16 -20.71 5.74
C CYS D 254 30.73 -21.08 5.39
N ASN D 255 30.53 -21.82 4.29
CA ASN D 255 29.19 -22.28 3.93
C ASN D 255 28.62 -23.21 4.99
N ILE D 256 29.45 -24.11 5.51
CA ILE D 256 29.03 -25.02 6.58
C ILE D 256 28.62 -24.24 7.83
N TYR D 257 29.46 -23.26 8.23
CA TYR D 257 29.22 -22.53 9.46
C TYR D 257 28.00 -21.61 9.36
N VAL D 258 27.83 -20.95 8.21
CA VAL D 258 26.66 -20.08 8.07
C VAL D 258 25.39 -20.91 8.01
N SER D 259 25.43 -22.10 7.39
CA SER D 259 24.24 -22.95 7.35
C SER D 259 23.81 -23.41 8.74
N ILE D 260 24.78 -23.85 9.55
CA ILE D 260 24.41 -24.37 10.87
C ILE D 260 23.94 -23.25 11.80
N LEU D 261 24.61 -22.08 11.76
CA LEU D 261 24.19 -21.05 12.71
C LEU D 261 22.94 -20.35 12.21
N PHE D 262 22.68 -20.39 10.89
CA PHE D 262 21.40 -19.94 10.35
C PHE D 262 20.27 -20.84 10.82
N LEU D 263 20.49 -22.15 10.88
CA LEU D 263 19.47 -23.04 11.45
C LEU D 263 19.24 -22.73 12.92
N CYS D 264 20.31 -22.41 13.66
CA CYS D 264 20.18 -22.01 15.05
C CYS D 264 19.36 -20.73 15.20
N CYS D 265 19.61 -19.75 14.33
CA CYS D 265 18.91 -18.47 14.46
C CYS D 265 17.47 -18.53 13.97
N ILE D 266 17.15 -19.37 12.97
CA ILE D 266 15.74 -19.55 12.61
C ILE D 266 15.00 -20.24 13.75
N SER D 267 15.66 -21.18 14.45
CA SER D 267 15.03 -21.80 15.60
C SER D 267 14.82 -20.82 16.75
N CYS D 268 15.79 -19.90 16.95
CA CYS D 268 15.63 -18.86 17.96
C CYS D 268 14.48 -17.92 17.61
N ASP D 269 14.34 -17.57 16.33
CA ASP D 269 13.23 -16.73 15.90
C ASP D 269 11.90 -17.45 16.06
N ARG D 270 11.88 -18.78 15.85
CA ARG D 270 10.68 -19.57 16.13
C ARG D 270 10.31 -19.49 17.60
N PHE D 271 11.31 -19.60 18.48
CA PHE D 271 11.08 -19.52 19.92
C PHE D 271 10.50 -18.16 20.31
N VAL D 272 11.11 -17.08 19.80
CA VAL D 272 10.68 -15.75 20.20
C VAL D 272 9.33 -15.40 19.56
N ALA D 273 8.98 -16.05 18.45
CA ALA D 273 7.65 -15.85 17.89
C ALA D 273 6.59 -16.60 18.69
N VAL D 274 6.91 -17.82 19.12
CA VAL D 274 5.89 -18.65 19.79
C VAL D 274 5.67 -18.19 21.22
N VAL D 275 6.74 -17.89 21.95
CA VAL D 275 6.60 -17.52 23.35
C VAL D 275 6.33 -16.04 23.52
N TYR D 276 7.22 -15.19 23.01
CA TYR D 276 7.04 -13.73 23.09
C TYR D 276 6.35 -13.20 21.84
N ALA D 277 5.08 -13.59 21.68
CA ALA D 277 4.34 -13.31 20.46
C ALA D 277 4.04 -11.81 20.32
N LEU D 278 3.92 -11.11 21.45
CA LEU D 278 3.61 -9.68 21.41
C LEU D 278 4.81 -8.88 20.89
N GLU D 279 6.02 -9.24 21.32
CA GLU D 279 7.20 -8.47 20.95
C GLU D 279 7.59 -8.69 19.49
N SER D 280 7.34 -9.90 18.98
CA SER D 280 7.96 -10.35 17.74
C SER D 280 7.49 -9.57 16.52
N ARG D 281 6.20 -9.21 16.46
CA ARG D 281 5.61 -8.64 15.24
C ARG D 281 6.25 -7.31 14.87
N GLY D 282 6.59 -6.50 15.85
CA GLY D 282 7.37 -5.29 15.57
C GLY D 282 8.78 -5.60 15.10
N ARG D 283 9.39 -6.65 15.64
CA ARG D 283 10.77 -6.98 15.31
C ARG D 283 10.89 -7.83 14.05
N ARG D 284 9.77 -8.25 13.45
CA ARG D 284 9.80 -9.11 12.28
C ARG D 284 9.83 -8.35 10.96
N ARG D 285 10.34 -7.12 10.95
CA ARG D 285 10.58 -6.42 9.70
C ARG D 285 11.73 -7.11 8.95
N ARG D 286 11.63 -7.13 7.61
CA ARG D 286 12.65 -7.79 6.80
C ARG D 286 14.01 -7.09 6.90
N ARG D 287 13.99 -5.80 7.24
CA ARG D 287 15.24 -5.08 7.48
C ARG D 287 15.96 -5.63 8.71
N THR D 288 15.18 -5.95 9.76
CA THR D 288 15.74 -6.63 10.92
C THR D 288 16.19 -8.04 10.59
N ALA D 289 15.61 -8.63 9.54
CA ALA D 289 16.06 -9.96 9.12
C ALA D 289 17.44 -9.90 8.50
N ILE D 290 17.69 -8.95 7.60
CA ILE D 290 19.06 -8.88 7.09
C ILE D 290 19.90 -7.94 7.95
N LEU D 291 20.16 -8.34 9.20
CA LEU D 291 21.11 -7.62 10.04
C LEU D 291 22.09 -8.57 10.71
N ILE D 292 21.55 -9.62 11.35
CA ILE D 292 22.35 -10.53 12.16
C ILE D 292 23.20 -11.44 11.27
N SER D 293 22.74 -11.67 10.03
CA SER D 293 23.39 -12.58 9.09
C SER D 293 24.82 -12.15 8.79
N ALA D 294 25.00 -10.85 8.54
CA ALA D 294 26.32 -10.29 8.29
C ALA D 294 27.20 -10.43 9.54
N CYS D 295 26.62 -10.30 10.73
CA CYS D 295 27.40 -10.47 11.96
C CYS D 295 27.90 -11.90 12.10
N ILE D 296 27.05 -12.87 11.74
CA ILE D 296 27.44 -14.28 11.74
C ILE D 296 28.61 -14.51 10.79
N PHE D 297 28.49 -13.97 9.56
CA PHE D 297 29.53 -14.17 8.55
C PHE D 297 30.84 -13.49 8.95
N ILE D 298 30.77 -12.28 9.51
CA ILE D 298 32.01 -11.60 9.86
C ILE D 298 32.67 -12.28 11.06
N LEU D 299 31.88 -12.88 11.96
CA LEU D 299 32.47 -13.68 13.03
C LEU D 299 33.24 -14.87 12.48
N VAL D 300 32.63 -15.57 11.50
CA VAL D 300 33.32 -16.69 10.84
C VAL D 300 34.59 -16.19 10.13
N GLY D 301 34.53 -14.98 9.58
CA GLY D 301 35.70 -14.41 8.92
C GLY D 301 36.85 -14.13 9.86
N ILE D 302 36.56 -13.62 11.06
CA ILE D 302 37.61 -13.42 12.06
C ILE D 302 38.18 -14.77 12.51
N VAL D 303 37.33 -15.81 12.56
CA VAL D 303 37.85 -17.15 12.85
C VAL D 303 38.79 -17.63 11.74
N HIS D 304 38.43 -17.35 10.48
CA HIS D 304 39.22 -17.84 9.37
C HIS D 304 40.46 -17.01 9.06
N TYR D 305 40.58 -15.81 9.65
CA TYR D 305 41.80 -15.01 9.43
C TYR D 305 43.06 -15.71 9.94
N PRO D 306 43.14 -16.26 11.19
CA PRO D 306 44.33 -17.04 11.55
C PRO D 306 44.54 -18.27 10.68
N VAL D 307 43.46 -18.93 10.23
CA VAL D 307 43.50 -20.08 9.35
C VAL D 307 44.23 -19.72 8.07
N PHE D 308 43.98 -18.52 7.56
CA PHE D 308 44.76 -18.00 6.45
C PHE D 308 46.21 -17.78 6.86
N GLN D 309 46.45 -17.28 8.08
CA GLN D 309 47.83 -17.00 8.48
C GLN D 309 48.60 -18.28 8.80
N THR D 310 47.97 -19.29 9.42
CA THR D 310 48.74 -20.48 9.80
C THR D 310 48.98 -21.39 8.59
N GLU D 311 49.86 -20.96 7.69
CA GLU D 311 50.22 -21.76 6.53
C GLU D 311 51.69 -22.16 6.65
N ASP D 312 51.94 -23.47 6.57
CA ASP D 312 53.29 -24.01 6.66
C ASP D 312 53.84 -24.42 5.30
N LYS D 313 53.09 -24.16 4.22
CA LYS D 313 53.37 -24.67 2.87
C LYS D 313 53.54 -26.19 2.91
N GLU D 314 52.50 -26.84 3.41
CA GLU D 314 52.52 -28.29 3.61
C GLU D 314 51.16 -28.83 3.19
N THR D 315 50.99 -30.14 3.38
CA THR D 315 49.74 -30.82 3.03
C THR D 315 48.58 -30.29 3.87
N CYS D 316 47.57 -29.76 3.18
CA CYS D 316 46.40 -29.20 3.83
C CYS D 316 45.17 -30.09 3.74
N PHE D 317 45.22 -31.13 2.90
CA PHE D 317 44.05 -32.04 2.72
C PHE D 317 43.87 -32.86 4.00
N ASP D 318 44.95 -33.43 4.53
CA ASP D 318 44.90 -34.23 5.75
C ASP D 318 46.28 -34.22 6.40
N MET D 319 46.29 -34.26 7.73
CA MET D 319 47.53 -34.26 8.51
C MET D 319 47.24 -34.75 9.92
N LEU D 320 48.27 -35.27 10.58
CA LEU D 320 48.15 -35.77 11.95
C LEU D 320 49.52 -35.74 12.63
N GLN D 321 49.55 -35.31 13.89
CA GLN D 321 50.81 -35.11 14.59
C GLN D 321 50.60 -35.06 16.09
N MET D 322 51.71 -35.26 16.83
CA MET D 322 51.71 -35.14 18.29
C MET D 322 51.35 -33.74 18.75
N ASP D 323 51.90 -32.72 18.08
CA ASP D 323 51.69 -31.33 18.48
C ASP D 323 50.22 -30.96 18.39
N SER D 324 49.61 -31.23 17.23
CA SER D 324 48.19 -31.00 16.95
C SER D 324 47.79 -29.55 17.22
N ARG D 325 48.67 -28.64 16.80
CA ARG D 325 48.37 -27.22 16.88
C ARG D 325 47.17 -26.87 16.00
N ILE D 326 47.18 -27.36 14.76
CA ILE D 326 46.04 -27.19 13.86
C ILE D 326 44.82 -27.91 14.42
N ALA D 327 45.02 -29.10 14.99
CA ALA D 327 43.89 -29.82 15.59
C ALA D 327 43.42 -29.15 16.88
N GLY D 328 44.32 -28.45 17.59
CA GLY D 328 43.90 -27.66 18.73
C GLY D 328 43.04 -26.47 18.32
N TYR D 329 43.46 -25.77 17.27
CA TYR D 329 42.62 -24.71 16.68
C TYR D 329 41.30 -25.28 16.19
N TYR D 330 41.32 -26.50 15.67
CA TYR D 330 40.11 -27.13 15.16
C TYR D 330 39.19 -27.55 16.30
N TYR D 331 39.75 -27.95 17.43
CA TYR D 331 38.95 -28.22 18.62
C TYR D 331 38.30 -26.95 19.13
N ALA D 332 39.04 -25.84 19.10
CA ALA D 332 38.46 -24.54 19.47
C ALA D 332 37.35 -24.14 18.52
N ARG D 333 37.56 -24.36 17.21
CA ARG D 333 36.54 -24.08 16.21
C ARG D 333 35.32 -24.98 16.38
N PHE D 334 35.56 -26.23 16.78
CA PHE D 334 34.50 -27.17 17.11
C PHE D 334 33.65 -26.67 18.27
N THR D 335 34.30 -26.27 19.36
CA THR D 335 33.59 -25.80 20.55
C THR D 335 32.81 -24.51 20.25
N VAL D 336 33.48 -23.55 19.61
CA VAL D 336 32.85 -22.25 19.35
C VAL D 336 31.83 -22.34 18.21
N GLY D 337 31.82 -23.42 17.44
CA GLY D 337 30.92 -23.47 16.31
C GLY D 337 29.91 -24.60 16.32
N PHE D 338 30.09 -25.62 17.15
CA PHE D 338 29.18 -26.75 17.06
C PHE D 338 28.40 -27.03 18.35
N ALA D 339 29.10 -27.13 19.49
CA ALA D 339 28.50 -27.61 20.73
C ALA D 339 27.45 -26.64 21.30
N ILE D 340 27.82 -25.38 21.44
CA ILE D 340 26.92 -24.32 21.90
C ILE D 340 25.74 -24.17 20.94
N PRO D 341 25.92 -24.20 19.55
CA PRO D 341 24.75 -24.28 18.67
C PRO D 341 23.80 -25.45 18.92
N LEU D 342 24.36 -26.62 19.23
CA LEU D 342 23.54 -27.78 19.57
C LEU D 342 22.74 -27.53 20.84
N SER D 343 23.36 -26.91 21.84
CA SER D 343 22.68 -26.55 23.07
C SER D 343 21.53 -25.57 22.82
N ILE D 344 21.77 -24.59 21.94
CA ILE D 344 20.73 -23.63 21.56
C ILE D 344 19.55 -24.34 20.91
N ILE D 345 19.84 -25.23 19.96
CA ILE D 345 18.85 -25.99 19.20
C ILE D 345 18.00 -26.84 20.14
N ALA D 346 18.67 -27.55 21.05
CA ALA D 346 17.95 -28.39 22.01
C ALA D 346 17.08 -27.55 22.95
N PHE D 347 17.61 -26.42 23.42
CA PHE D 347 16.88 -25.52 24.30
C PHE D 347 15.60 -25.03 23.64
N THR D 348 15.72 -24.49 22.43
CA THR D 348 14.55 -23.90 21.77
C THR D 348 13.54 -24.97 21.36
N ASN D 349 14.02 -26.16 20.96
CA ASN D 349 13.06 -27.18 20.56
C ASN D 349 12.33 -27.78 21.75
N HIS D 350 13.01 -28.01 22.88
CA HIS D 350 12.30 -28.51 24.05
C HIS D 350 11.38 -27.45 24.64
N ARG D 351 11.72 -26.16 24.53
CA ARG D 351 10.78 -25.13 24.96
C ARG D 351 9.58 -25.05 24.03
N ILE D 352 9.79 -25.34 22.73
CA ILE D 352 8.67 -25.47 21.79
C ILE D 352 7.78 -26.63 22.20
N PHE D 353 8.40 -27.75 22.62
CA PHE D 353 7.65 -28.93 23.10
C PHE D 353 6.76 -28.57 24.28
N ARG D 354 7.34 -27.90 25.29
CA ARG D 354 6.58 -27.57 26.50
C ARG D 354 5.50 -26.52 26.23
N SER D 355 5.84 -25.49 25.45
CA SER D 355 4.86 -24.45 25.15
C SER D 355 3.72 -24.98 24.29
N ILE D 356 3.98 -26.00 23.48
CA ILE D 356 2.90 -26.61 22.72
C ILE D 356 2.02 -27.47 23.62
N LYS D 357 2.63 -28.31 24.46
CA LYS D 357 1.82 -29.24 25.25
C LYS D 357 1.06 -28.55 26.36
N GLN D 358 1.52 -27.38 26.82
CA GLN D 358 0.72 -26.64 27.78
C GLN D 358 -0.38 -25.84 27.10
N SER D 359 -0.31 -25.66 25.78
CA SER D 359 -1.38 -25.00 25.05
C SER D 359 -2.42 -26.04 24.63
N MET D 360 -3.67 -25.81 25.02
CA MET D 360 -4.75 -26.76 24.78
C MET D 360 -5.57 -26.43 23.54
N GLY D 361 -5.54 -25.18 23.07
CA GLY D 361 -6.36 -24.80 21.94
C GLY D 361 -5.95 -25.49 20.66
N LEU D 362 -4.65 -25.65 20.45
CA LEU D 362 -4.17 -26.39 19.30
C LEU D 362 -4.46 -27.87 19.48
N SER D 363 -4.81 -28.53 18.38
CA SER D 363 -5.21 -29.93 18.44
C SER D 363 -4.00 -30.83 18.67
N ALA D 364 -4.28 -32.05 19.14
CA ALA D 364 -3.21 -32.99 19.46
C ALA D 364 -2.53 -33.49 18.20
N ALA D 365 -3.26 -33.62 17.10
CA ALA D 365 -2.67 -34.08 15.85
C ALA D 365 -1.68 -33.06 15.29
N GLN D 366 -2.06 -31.77 15.33
CA GLN D 366 -1.15 -30.72 14.89
C GLN D 366 0.05 -30.61 15.82
N LYS D 367 -0.19 -30.80 17.12
CA LYS D 367 0.89 -30.86 18.10
C LYS D 367 1.89 -31.95 17.76
N ALA D 368 1.38 -33.16 17.46
CA ALA D 368 2.27 -34.27 17.12
C ALA D 368 3.01 -34.00 15.82
N LYS D 369 2.33 -33.39 14.83
CA LYS D 369 2.96 -33.09 13.56
C LYS D 369 4.13 -32.10 13.69
N VAL D 370 3.95 -31.04 14.49
CA VAL D 370 5.05 -30.09 14.66
C VAL D 370 6.18 -30.74 15.47
N LYS D 371 5.84 -31.60 16.45
CA LYS D 371 6.87 -32.36 17.16
C LYS D 371 7.69 -33.22 16.20
N HIS D 372 7.00 -33.92 15.28
CA HIS D 372 7.67 -34.78 14.31
C HIS D 372 8.56 -33.98 13.37
N SER D 373 8.07 -32.84 12.89
CA SER D 373 8.85 -32.03 11.95
C SER D 373 10.10 -31.45 12.61
N ALA D 374 9.94 -30.87 13.80
CA ALA D 374 11.08 -30.27 14.50
C ALA D 374 12.10 -31.33 14.90
N ILE D 375 11.63 -32.48 15.41
CA ILE D 375 12.56 -33.53 15.80
C ILE D 375 13.22 -34.15 14.57
N ALA D 376 12.54 -34.12 13.42
CA ALA D 376 13.13 -34.65 12.20
C ALA D 376 14.27 -33.78 11.72
N VAL D 377 14.08 -32.45 11.78
CA VAL D 377 15.13 -31.51 11.41
C VAL D 377 16.32 -31.62 12.36
N VAL D 378 16.04 -31.72 13.67
CA VAL D 378 17.11 -31.86 14.66
C VAL D 378 17.86 -33.18 14.45
N VAL D 379 17.14 -34.26 14.15
CA VAL D 379 17.76 -35.58 13.98
C VAL D 379 18.62 -35.62 12.72
N ILE D 380 18.16 -35.02 11.62
CA ILE D 380 18.99 -35.05 10.41
C ILE D 380 20.25 -34.21 10.59
N PHE D 381 20.13 -33.06 11.27
CA PHE D 381 21.29 -32.23 11.59
C PHE D 381 22.28 -32.99 12.47
N LEU D 382 21.77 -33.69 13.49
CA LEU D 382 22.60 -34.48 14.39
C LEU D 382 23.31 -35.61 13.64
N VAL D 383 22.53 -36.54 13.07
CA VAL D 383 23.06 -37.77 12.46
C VAL D 383 24.00 -37.47 11.30
N CYS D 384 23.85 -36.33 10.63
CA CYS D 384 24.83 -35.97 9.62
C CYS D 384 26.06 -35.25 10.19
N PHE D 385 25.87 -34.12 10.88
CA PHE D 385 27.05 -33.31 11.18
C PHE D 385 27.79 -33.78 12.44
N ALA D 386 27.06 -34.27 13.45
CA ALA D 386 27.67 -34.63 14.73
C ALA D 386 28.69 -35.78 14.71
N PRO D 387 28.51 -36.90 14.00
CA PRO D 387 29.59 -37.92 14.01
C PRO D 387 30.88 -37.45 13.37
N TYR D 388 30.79 -36.53 12.39
CA TYR D 388 31.96 -35.79 11.94
C TYR D 388 32.60 -35.06 13.11
N HIS D 389 31.80 -34.38 13.94
CA HIS D 389 32.33 -33.68 15.11
C HIS D 389 32.96 -34.64 16.11
N LEU D 390 32.48 -35.89 16.16
CA LEU D 390 33.13 -36.90 17.00
C LEU D 390 34.51 -37.23 16.47
N VAL D 391 34.65 -37.39 15.14
CA VAL D 391 35.98 -37.69 14.61
C VAL D 391 36.88 -36.47 14.63
N LEU D 392 36.34 -35.28 14.87
CA LEU D 392 37.16 -34.11 15.19
C LEU D 392 37.58 -34.08 16.66
N LEU D 393 36.66 -34.40 17.58
CA LEU D 393 36.97 -34.29 19.00
C LEU D 393 37.82 -35.45 19.51
N VAL D 394 37.89 -36.55 18.77
CA VAL D 394 38.75 -37.66 19.17
C VAL D 394 40.22 -37.26 19.13
N LYS D 395 40.52 -36.22 18.34
CA LYS D 395 41.89 -35.76 18.11
C LYS D 395 42.57 -35.30 19.38
N ALA D 396 41.84 -34.58 20.24
CA ALA D 396 42.42 -33.99 21.45
C ALA D 396 43.03 -35.05 22.35
N ALA D 397 42.22 -36.04 22.75
CA ALA D 397 42.69 -37.14 23.56
C ALA D 397 43.72 -37.99 22.82
N ALA D 398 43.38 -38.44 21.60
CA ALA D 398 44.20 -39.40 20.87
C ALA D 398 45.59 -38.87 20.56
N PHE D 399 45.67 -37.61 20.13
CA PHE D 399 46.96 -37.00 19.86
C PHE D 399 47.69 -36.59 21.13
N SER D 400 46.95 -36.24 22.20
CA SER D 400 47.62 -35.81 23.42
C SER D 400 48.33 -36.97 24.11
N TYR D 401 47.72 -38.15 24.09
CA TYR D 401 48.40 -39.28 24.73
C TYR D 401 49.39 -40.00 23.83
N TYR D 402 49.46 -39.65 22.53
CA TYR D 402 50.24 -40.30 21.46
C TYR D 402 49.76 -41.72 21.16
N ARG D 403 48.73 -42.22 21.85
CA ARG D 403 48.21 -43.55 21.56
C ARG D 403 47.39 -43.52 20.28
N GLY D 404 46.82 -42.38 19.95
CA GLY D 404 46.08 -42.23 18.71
C GLY D 404 46.86 -41.49 17.65
N ASP D 405 48.18 -41.65 17.64
CA ASP D 405 49.05 -40.96 16.67
C ASP D 405 50.33 -41.75 16.53
N ARG D 406 50.46 -42.51 15.45
CA ARG D 406 51.74 -43.15 15.13
C ARG D 406 51.91 -43.10 13.62
N ASN D 407 52.98 -42.46 13.15
CA ASN D 407 53.20 -42.31 11.72
C ASN D 407 53.57 -43.64 11.07
N ALA D 408 54.43 -44.43 11.73
CA ALA D 408 54.85 -45.71 11.17
C ALA D 408 53.70 -46.70 11.12
N MET D 409 52.88 -46.73 12.16
CA MET D 409 51.65 -47.53 12.20
C MET D 409 50.53 -46.78 11.48
N CYS D 410 50.59 -46.91 10.15
CA CYS D 410 49.76 -46.15 9.23
C CYS D 410 48.30 -46.56 9.24
N GLY D 411 47.96 -47.69 9.88
CA GLY D 411 46.59 -48.16 9.87
C GLY D 411 45.63 -47.23 10.58
N LEU D 412 46.13 -46.54 11.61
CA LEU D 412 45.33 -45.50 12.26
C LEU D 412 45.04 -44.34 11.33
N GLU D 413 46.04 -43.89 10.56
CA GLU D 413 45.80 -42.85 9.58
C GLU D 413 44.85 -43.32 8.49
N GLU D 414 44.95 -44.60 8.11
CA GLU D 414 44.04 -45.18 7.13
C GLU D 414 42.60 -45.17 7.63
N ARG D 415 42.38 -45.64 8.86
CA ARG D 415 41.02 -45.74 9.39
C ARG D 415 40.42 -44.36 9.61
N LEU D 416 41.24 -43.39 10.06
CA LEU D 416 40.73 -42.04 10.23
C LEU D 416 40.46 -41.37 8.89
N TYR D 417 41.26 -41.70 7.86
CA TYR D 417 41.03 -41.11 6.55
C TYR D 417 39.77 -41.67 5.90
N THR D 418 39.56 -42.98 6.00
CA THR D 418 38.32 -43.57 5.48
C THR D 418 37.10 -43.04 6.23
N ALA D 419 37.23 -42.88 7.56
CA ALA D 419 36.16 -42.29 8.34
C ALA D 419 35.88 -40.85 7.89
N SER D 420 36.94 -40.07 7.66
CA SER D 420 36.77 -38.67 7.29
C SER D 420 36.14 -38.53 5.91
N VAL D 421 36.51 -39.39 4.96
CA VAL D 421 35.93 -39.27 3.63
C VAL D 421 34.48 -39.75 3.62
N VAL D 422 34.14 -40.75 4.46
CA VAL D 422 32.75 -41.17 4.57
C VAL D 422 31.91 -40.09 5.24
N PHE D 423 32.46 -39.44 6.28
CA PHE D 423 31.74 -38.34 6.94
C PHE D 423 31.59 -37.15 6.01
N LEU D 424 32.59 -36.87 5.19
CA LEU D 424 32.49 -35.78 4.23
C LEU D 424 31.44 -36.08 3.16
N CYS D 425 31.34 -37.34 2.74
CA CYS D 425 30.31 -37.76 1.80
C CYS D 425 28.91 -37.55 2.37
N LEU D 426 28.69 -37.98 3.62
CA LEU D 426 27.35 -37.84 4.18
C LEU D 426 27.03 -36.38 4.54
N SER D 427 28.05 -35.58 4.90
CA SER D 427 27.80 -34.16 5.15
C SER D 427 27.45 -33.42 3.86
N THR D 428 28.07 -33.79 2.75
CA THR D 428 27.67 -33.21 1.47
C THR D 428 26.29 -33.68 1.05
N VAL D 429 25.93 -34.92 1.40
CA VAL D 429 24.57 -35.41 1.19
C VAL D 429 23.56 -34.55 1.94
N ASN D 430 23.86 -34.24 3.21
CA ASN D 430 22.97 -33.39 4.00
C ASN D 430 22.92 -31.97 3.46
N GLY D 431 24.05 -31.47 2.95
CA GLY D 431 24.10 -30.17 2.33
C GLY D 431 23.20 -30.07 1.11
N VAL D 432 23.22 -31.12 0.28
CA VAL D 432 22.27 -31.20 -0.83
C VAL D 432 20.84 -31.29 -0.31
N ALA D 433 20.64 -32.02 0.78
CA ALA D 433 19.29 -32.25 1.30
C ALA D 433 18.68 -31.06 2.01
N ASP D 434 19.50 -30.06 2.40
CA ASP D 434 18.97 -28.89 3.10
C ASP D 434 17.92 -28.10 2.30
N PRO D 435 18.10 -27.77 1.01
CA PRO D 435 16.95 -27.21 0.28
C PRO D 435 15.86 -28.22 -0.03
N ILE D 436 16.18 -29.52 -0.02
CA ILE D 436 15.15 -30.54 -0.13
C ILE D 436 14.32 -30.59 1.15
N ILE D 437 14.97 -30.47 2.31
CA ILE D 437 14.28 -30.35 3.58
C ILE D 437 13.44 -29.08 3.63
N TYR D 438 13.94 -28.00 3.01
CA TYR D 438 13.21 -26.74 2.91
C TYR D 438 11.87 -26.88 2.18
N VAL D 439 11.71 -27.88 1.31
CA VAL D 439 10.42 -28.13 0.67
C VAL D 439 9.72 -29.38 1.15
N LEU D 440 10.32 -30.17 2.05
CA LEU D 440 9.67 -31.43 2.42
C LEU D 440 8.72 -31.28 3.61
N ALA D 441 9.25 -30.87 4.76
CA ALA D 441 8.58 -31.15 6.04
C ALA D 441 7.37 -30.25 6.29
N THR D 442 7.37 -29.04 5.75
CA THR D 442 6.25 -28.13 6.00
C THR D 442 5.06 -28.49 5.12
N ASP D 443 3.85 -28.19 5.64
CA ASP D 443 2.63 -28.60 4.96
C ASP D 443 2.31 -27.69 3.78
N HIS D 444 2.63 -26.40 3.88
CA HIS D 444 2.35 -25.44 2.82
C HIS D 444 3.10 -25.79 1.53
N SER D 445 4.28 -26.40 1.67
CA SER D 445 5.11 -26.73 0.52
C SER D 445 4.44 -27.75 -0.38
N ARG D 446 3.60 -28.63 0.17
CA ARG D 446 2.86 -29.57 -0.66
C ARG D 446 1.95 -28.85 -1.64
N GLN D 447 1.19 -27.87 -1.16
CA GLN D 447 0.32 -27.08 -2.03
C GLN D 447 1.12 -26.23 -3.02
N GLU D 448 2.22 -25.62 -2.55
CA GLU D 448 3.00 -24.76 -3.44
C GLU D 448 3.72 -25.58 -4.53
N VAL D 449 4.25 -26.75 -4.19
CA VAL D 449 4.85 -27.62 -5.18
C VAL D 449 3.80 -28.18 -6.13
N SER D 450 2.58 -28.42 -5.63
CA SER D 450 1.49 -28.89 -6.49
C SER D 450 1.12 -27.84 -7.55
N ARG D 451 0.98 -26.58 -7.13
CA ARG D 451 0.65 -25.56 -8.12
C ARG D 451 1.83 -25.23 -9.03
N ILE D 452 3.06 -25.40 -8.53
CA ILE D 452 4.24 -25.24 -9.38
C ILE D 452 4.28 -26.32 -10.45
N HIS D 453 3.93 -27.56 -10.08
CA HIS D 453 3.82 -28.65 -11.05
C HIS D 453 2.72 -28.37 -12.07
N LYS D 454 1.59 -27.82 -11.61
CA LYS D 454 0.51 -27.45 -12.51
C LYS D 454 0.94 -26.38 -13.51
N GLY D 455 1.66 -25.36 -13.03
CA GLY D 455 2.15 -24.32 -13.91
C GLY D 455 3.22 -24.81 -14.88
N TRP D 456 4.07 -25.73 -14.44
CA TRP D 456 5.07 -26.33 -15.31
C TRP D 456 4.41 -27.13 -16.42
N LYS D 457 3.36 -27.89 -16.08
CA LYS D 457 2.61 -28.62 -17.11
C LYS D 457 1.87 -27.67 -18.03
N GLU D 458 1.41 -26.54 -17.50
CA GLU D 458 0.67 -25.56 -18.30
C GLU D 458 1.57 -24.90 -19.34
N TRP D 459 2.75 -24.43 -18.91
CA TRP D 459 3.65 -23.78 -19.85
C TRP D 459 4.47 -24.76 -20.67
N SER D 460 4.53 -26.03 -20.27
CA SER D 460 5.21 -27.03 -21.08
C SER D 460 4.36 -27.49 -22.25
N MET D 461 3.03 -27.38 -22.12
CA MET D 461 2.06 -27.93 -23.08
C MET D 461 2.31 -29.43 -23.33
N LYS D 462 2.33 -30.20 -22.25
CA LYS D 462 2.48 -31.65 -22.35
C LYS D 462 1.14 -32.37 -22.35
N THR D 463 0.09 -31.73 -21.83
CA THR D 463 -1.23 -32.37 -21.76
C THR D 463 -1.81 -32.59 -23.15
N ASP D 464 -1.84 -31.52 -23.97
CA ASP D 464 -2.25 -31.54 -25.37
C ASP D 464 -3.66 -32.07 -25.56
N VAL D 465 -4.57 -31.80 -24.62
CA VAL D 465 -5.93 -32.30 -24.72
C VAL D 465 -6.69 -31.58 -25.83
N THR D 466 -6.53 -30.26 -25.92
CA THR D 466 -7.18 -29.49 -26.98
C THR D 466 -6.59 -29.82 -28.35
N ARG D 467 -5.28 -30.06 -28.40
CA ARG D 467 -4.65 -30.58 -29.62
C ARG D 467 -5.24 -31.92 -30.01
N LEU D 468 -5.49 -32.78 -29.02
CA LEU D 468 -6.09 -34.09 -29.29
C LEU D 468 -7.51 -33.95 -29.84
N THR D 469 -8.29 -33.02 -29.30
CA THR D 469 -9.63 -32.76 -29.83
C THR D 469 -9.57 -32.27 -31.27
N HIS D 470 -8.65 -31.35 -31.56
CA HIS D 470 -8.50 -30.84 -32.93
C HIS D 470 -8.07 -31.94 -33.88
N SER D 471 -7.18 -32.84 -33.43
CA SER D 471 -6.67 -33.90 -34.31
C SER D 471 -7.75 -34.93 -34.61
N ARG D 472 -8.53 -35.33 -33.60
CA ARG D 472 -9.61 -36.29 -33.86
C ARG D 472 -10.74 -35.64 -34.65
N ASP D 473 -10.87 -34.31 -34.60
CA ASP D 473 -11.80 -33.65 -35.50
C ASP D 473 -11.28 -33.62 -36.93
N THR D 474 -9.97 -33.43 -37.11
CA THR D 474 -9.43 -33.31 -38.46
C THR D 474 -9.38 -34.63 -39.19
N GLU D 475 -9.08 -35.73 -38.48
CA GLU D 475 -8.92 -37.02 -39.15
C GLU D 475 -10.23 -37.52 -39.75
N GLU D 476 -11.34 -37.28 -39.05
CA GLU D 476 -12.65 -37.64 -39.58
C GLU D 476 -13.06 -36.65 -40.67
N LEU E 5 13.70 19.02 -14.50
CA LEU E 5 14.90 18.64 -13.76
C LEU E 5 15.56 19.90 -13.22
N SER E 6 14.99 20.44 -12.15
CA SER E 6 15.47 21.66 -11.53
C SER E 6 15.18 21.60 -10.03
N ALA E 7 15.24 22.75 -9.37
CA ALA E 7 15.00 22.82 -7.93
C ALA E 7 13.57 22.42 -7.59
N GLU E 8 12.62 22.72 -8.48
CA GLU E 8 11.23 22.32 -8.28
C GLU E 8 11.08 20.81 -8.25
N ASP E 9 11.76 20.12 -9.16
CA ASP E 9 11.68 18.67 -9.23
C ASP E 9 12.35 18.01 -8.02
N LYS E 10 13.51 18.54 -7.61
CA LYS E 10 14.20 18.03 -6.42
C LYS E 10 13.35 18.23 -5.16
N ALA E 11 12.70 19.39 -5.06
CA ALA E 11 11.84 19.68 -3.92
C ALA E 11 10.61 18.78 -3.89
N ALA E 12 10.04 18.51 -5.07
CA ALA E 12 8.91 17.58 -5.15
C ALA E 12 9.35 16.17 -4.74
N VAL E 13 10.57 15.78 -5.10
CA VAL E 13 11.12 14.49 -4.67
C VAL E 13 11.24 14.43 -3.15
N GLU E 14 11.75 15.51 -2.54
CA GLU E 14 11.89 15.54 -1.08
C GLU E 14 10.54 15.44 -0.37
N ARG E 15 9.54 16.17 -0.89
CA ARG E 15 8.21 16.10 -0.29
C ARG E 15 7.57 14.73 -0.48
N SER E 16 7.78 14.11 -1.64
CA SER E 16 7.22 12.79 -1.91
C SER E 16 7.89 11.72 -1.05
N LYS E 17 9.18 11.90 -0.76
CA LYS E 17 9.85 11.03 0.20
C LYS E 17 9.30 11.22 1.61
N MET E 18 9.05 12.50 1.97
CA MET E 18 8.59 12.87 3.30
C MET E 18 7.25 12.22 3.63
N ILE E 19 6.30 12.32 2.69
CA ILE E 19 4.97 11.79 2.95
C ILE E 19 5.00 10.26 2.99
N ASP E 20 5.94 9.63 2.26
CA ASP E 20 6.06 8.17 2.31
C ASP E 20 6.61 7.71 3.65
N ARG E 21 7.57 8.45 4.22
CA ARG E 21 8.06 8.12 5.56
C ARG E 21 6.97 8.26 6.61
N ASN E 22 6.17 9.34 6.51
CA ASN E 22 5.04 9.52 7.43
C ASN E 22 4.01 8.41 7.27
N LEU E 23 3.73 8.01 6.03
CA LEU E 23 2.77 6.93 5.76
C LEU E 23 3.24 5.61 6.33
N ARG E 24 4.53 5.30 6.18
CA ARG E 24 5.07 4.04 6.70
C ARG E 24 5.00 4.00 8.22
N GLU E 25 5.35 5.11 8.87
CA GLU E 25 5.27 5.16 10.33
C GLU E 25 3.83 5.00 10.82
N ASP E 26 2.88 5.66 10.15
CA ASP E 26 1.48 5.56 10.58
C ASP E 26 0.93 4.16 10.36
N GLY E 27 1.34 3.50 9.27
CA GLY E 27 0.92 2.12 9.05
C GLY E 27 1.45 1.16 10.09
N GLU E 28 2.73 1.32 10.47
CA GLU E 28 3.29 0.49 11.53
C GLU E 28 2.61 0.74 12.87
N LYS E 29 2.27 2.00 13.15
CA LYS E 29 1.53 2.31 14.39
C LYS E 29 0.14 1.68 14.38
N ALA E 30 -0.52 1.69 13.21
CA ALA E 30 -1.90 1.19 13.15
C ALA E 30 -1.97 -0.33 13.18
N ALA E 31 -0.90 -1.01 12.73
CA ALA E 31 -0.96 -2.46 12.55
C ALA E 31 -1.05 -3.22 13.89
N ARG E 32 -0.69 -2.57 14.99
CA ARG E 32 -0.66 -3.25 16.28
C ARG E 32 -2.05 -3.53 16.82
N GLU E 33 -3.00 -2.63 16.57
CA GLU E 33 -4.31 -2.70 17.21
C GLU E 33 -5.10 -3.91 16.73
N VAL E 34 -5.80 -4.54 17.66
CA VAL E 34 -6.59 -5.73 17.36
C VAL E 34 -8.00 -5.29 16.95
N LYS E 35 -8.43 -5.74 15.78
CA LYS E 35 -9.73 -5.37 15.23
C LYS E 35 -10.76 -6.42 15.63
N LEU E 36 -11.90 -5.96 16.14
CA LEU E 36 -12.99 -6.84 16.55
C LEU E 36 -14.30 -6.42 15.90
N LEU E 37 -15.11 -7.41 15.51
CA LEU E 37 -16.39 -7.19 14.83
C LEU E 37 -17.51 -7.63 15.77
N LEU E 38 -18.25 -6.66 16.30
CA LEU E 38 -19.40 -7.00 17.14
C LEU E 38 -20.66 -7.09 16.28
N LEU E 39 -21.50 -8.09 16.58
CA LEU E 39 -22.72 -8.36 15.83
C LEU E 39 -23.89 -8.54 16.78
N GLY E 40 -24.05 -7.59 17.70
CA GLY E 40 -25.17 -7.58 18.62
C GLY E 40 -26.51 -7.46 17.94
N ALA E 41 -27.45 -8.33 18.31
CA ALA E 41 -28.77 -8.38 17.68
C ALA E 41 -29.83 -7.92 18.67
N GLY E 42 -30.29 -6.68 18.49
CA GLY E 42 -31.37 -6.12 19.28
C GLY E 42 -31.07 -6.03 20.75
N GLU E 43 -31.90 -6.68 21.58
CA GLU E 43 -31.65 -6.75 23.02
C GLU E 43 -30.71 -7.90 23.34
N SER E 44 -29.57 -7.96 22.67
CA SER E 44 -28.58 -8.99 22.91
C SER E 44 -27.64 -8.63 24.06
N GLY E 45 -27.84 -7.48 24.69
CA GLY E 45 -26.99 -7.05 25.78
C GLY E 45 -25.83 -6.21 25.29
N LYS E 46 -26.09 -5.33 24.32
CA LYS E 46 -25.05 -4.46 23.80
C LYS E 46 -24.59 -3.45 24.85
N SER E 47 -25.55 -2.87 25.59
CA SER E 47 -25.19 -1.98 26.70
C SER E 47 -24.44 -2.74 27.78
N THR E 48 -24.86 -3.97 28.07
CA THR E 48 -24.18 -4.78 29.07
C THR E 48 -22.75 -5.09 28.65
N ILE E 49 -22.54 -5.49 27.39
CA ILE E 49 -21.20 -5.88 26.95
C ILE E 49 -20.29 -4.65 26.86
N VAL E 50 -20.83 -3.47 26.51
CA VAL E 50 -19.95 -2.30 26.47
C VAL E 50 -19.66 -1.81 27.89
N LYS E 51 -20.55 -2.09 28.84
CA LYS E 51 -20.24 -1.73 30.22
C LYS E 51 -19.24 -2.71 30.85
N GLN E 52 -19.18 -3.95 30.36
CA GLN E 52 -18.29 -4.92 30.98
C GLN E 52 -16.83 -4.70 30.59
N MET E 53 -16.58 -4.18 29.39
CA MET E 53 -15.20 -3.86 29.03
C MET E 53 -14.69 -2.58 29.69
N LYS E 54 -15.56 -1.89 30.39
CA LYS E 54 -15.20 -0.67 31.09
C LYS E 54 -15.13 -0.92 32.58
N THR E 182 -24.54 8.63 13.40
CA THR E 182 -25.71 7.77 13.25
C THR E 182 -25.32 6.50 12.50
N GLY E 183 -24.07 6.40 12.10
CA GLY E 183 -23.52 5.22 11.49
C GLY E 183 -23.08 4.21 12.53
N ILE E 184 -22.02 3.47 12.19
CA ILE E 184 -21.49 2.50 13.15
C ILE E 184 -20.77 3.23 14.27
N VAL E 185 -20.61 2.54 15.39
CA VAL E 185 -20.04 3.14 16.59
C VAL E 185 -18.71 2.46 16.87
N GLU E 186 -17.64 3.25 16.91
CA GLU E 186 -16.31 2.72 17.12
C GLU E 186 -15.91 2.89 18.58
N THR E 187 -15.33 1.84 19.16
CA THR E 187 -14.85 1.92 20.53
C THR E 187 -13.44 1.35 20.61
N HIS E 188 -12.71 1.81 21.63
CA HIS E 188 -11.33 1.40 21.85
C HIS E 188 -11.13 1.08 23.32
N PHE E 189 -10.68 -0.13 23.60
CA PHE E 189 -10.39 -0.57 24.96
C PHE E 189 -9.03 -1.25 24.99
N THR E 190 -8.27 -0.99 26.05
CA THR E 190 -6.92 -1.48 26.20
C THR E 190 -6.89 -2.54 27.28
N PHE E 191 -6.31 -3.70 26.98
CA PHE E 191 -6.16 -4.77 27.96
C PHE E 191 -4.69 -5.14 28.05
N LYS E 192 -4.11 -4.93 29.23
CA LYS E 192 -2.70 -5.21 29.47
C LYS E 192 -1.89 -4.40 28.50
N ASP E 193 -1.08 -5.10 27.71
CA ASP E 193 -0.25 -4.48 26.69
C ASP E 193 -0.84 -4.46 25.29
N LEU E 194 -2.12 -4.80 25.13
CA LEU E 194 -2.72 -4.98 23.82
C LEU E 194 -3.89 -4.03 23.59
N HIS E 195 -3.88 -3.38 22.44
CA HIS E 195 -4.91 -2.44 22.04
C HIS E 195 -6.06 -3.17 21.35
N PHE E 196 -7.28 -2.68 21.58
CA PHE E 196 -8.48 -3.31 21.03
C PHE E 196 -9.35 -2.22 20.42
N LYS E 197 -9.43 -2.21 19.10
CA LYS E 197 -10.38 -1.38 18.37
C LYS E 197 -11.50 -2.29 17.90
N MET E 198 -12.72 -2.02 18.37
CA MET E 198 -13.86 -2.82 17.96
C MET E 198 -14.90 -1.90 17.32
N PHE E 199 -15.43 -2.35 16.18
CA PHE E 199 -16.42 -1.58 15.44
C PHE E 199 -17.79 -2.22 15.63
N ASP E 200 -18.71 -1.47 16.23
CA ASP E 200 -20.07 -1.92 16.45
C ASP E 200 -20.94 -1.53 15.27
N VAL E 201 -21.33 -2.52 14.48
CA VAL E 201 -22.29 -2.32 13.40
C VAL E 201 -23.67 -2.43 14.05
N GLY E 202 -24.27 -1.27 14.32
CA GLY E 202 -25.56 -1.21 14.97
C GLY E 202 -26.50 -0.31 14.20
N ALA E 203 -27.72 -0.81 13.97
CA ALA E 203 -28.80 -0.11 13.24
C ALA E 203 -28.35 0.31 11.84
N GLN E 204 -27.65 -0.60 11.15
CA GLN E 204 -27.20 -0.33 9.79
C GLN E 204 -28.39 -0.21 8.84
N ARG E 205 -29.38 -1.09 8.98
CA ARG E 205 -30.63 -1.10 8.21
C ARG E 205 -30.36 -1.14 6.70
N SER E 206 -29.43 -2.00 6.31
CA SER E 206 -29.02 -2.10 4.92
C SER E 206 -28.68 -3.54 4.61
N GLU E 207 -28.54 -3.83 3.32
CA GLU E 207 -28.12 -5.15 2.87
C GLU E 207 -26.72 -5.46 3.35
N ARG E 208 -26.57 -6.60 4.04
CA ARG E 208 -25.35 -6.90 4.77
C ARG E 208 -24.19 -7.21 3.84
N LYS E 209 -24.49 -7.81 2.68
CA LYS E 209 -23.45 -8.33 1.78
C LYS E 209 -22.58 -7.22 1.22
N LYS E 210 -23.15 -6.02 1.05
CA LYS E 210 -22.46 -4.96 0.33
C LYS E 210 -21.34 -4.33 1.15
N TRP E 211 -21.42 -4.47 2.47
CA TRP E 211 -20.41 -3.91 3.36
C TRP E 211 -19.80 -4.94 4.30
N ILE E 212 -20.19 -6.22 4.21
CA ILE E 212 -19.62 -7.23 5.10
C ILE E 212 -18.16 -7.51 4.74
N HIS E 213 -17.80 -7.35 3.47
CA HIS E 213 -16.44 -7.65 3.03
C HIS E 213 -15.44 -6.58 3.45
N CYS E 214 -15.94 -5.42 3.88
CA CYS E 214 -15.07 -4.36 4.39
C CYS E 214 -14.35 -4.79 5.65
N PHE E 215 -14.96 -5.73 6.39
CA PHE E 215 -14.35 -6.37 7.55
C PHE E 215 -13.76 -7.74 7.22
N GLU E 216 -13.15 -7.92 6.05
CA GLU E 216 -12.53 -9.21 5.77
C GLU E 216 -11.28 -9.40 6.62
N GLY E 217 -10.56 -8.32 6.91
CA GLY E 217 -9.31 -8.43 7.62
C GLY E 217 -9.45 -8.56 9.12
N VAL E 218 -10.69 -8.56 9.64
CA VAL E 218 -10.89 -8.58 11.08
C VAL E 218 -10.47 -9.94 11.63
N THR E 219 -9.93 -9.94 12.85
CA THR E 219 -9.45 -11.18 13.44
C THR E 219 -10.57 -11.98 14.06
N ALA E 220 -11.55 -11.31 14.67
CA ALA E 220 -12.55 -12.00 15.46
C ALA E 220 -13.94 -11.40 15.24
N ILE E 221 -14.93 -12.28 15.27
CA ILE E 221 -16.34 -11.92 15.15
C ILE E 221 -17.01 -12.33 16.46
N ILE E 222 -17.47 -11.35 17.22
CA ILE E 222 -18.15 -11.58 18.48
C ILE E 222 -19.65 -11.56 18.24
N PHE E 223 -20.34 -12.57 18.75
CA PHE E 223 -21.78 -12.71 18.60
C PHE E 223 -22.43 -12.69 19.97
N CYS E 224 -23.54 -11.98 20.08
CA CYS E 224 -24.34 -11.95 21.31
C CYS E 224 -25.74 -12.44 21.01
N VAL E 225 -26.23 -13.35 21.84
CA VAL E 225 -27.55 -13.95 21.67
C VAL E 225 -28.23 -14.02 23.02
N ALA E 226 -29.46 -13.51 23.09
CA ALA E 226 -30.24 -13.67 24.30
C ALA E 226 -30.76 -15.10 24.41
N LEU E 227 -30.78 -15.61 25.64
CA LEU E 227 -31.26 -16.96 25.89
C LEU E 227 -32.71 -16.99 26.38
N SER E 228 -33.23 -15.89 26.92
CA SER E 228 -34.58 -15.84 27.44
C SER E 228 -35.59 -15.34 26.42
N ASP E 229 -35.23 -15.37 25.13
CA ASP E 229 -36.13 -14.98 24.05
C ASP E 229 -36.80 -16.19 23.41
N TYR E 230 -37.04 -17.24 24.19
CA TYR E 230 -37.69 -18.45 23.70
C TYR E 230 -39.22 -18.38 23.82
N ASP E 231 -39.75 -17.24 24.27
CA ASP E 231 -41.19 -17.06 24.39
C ASP E 231 -41.67 -15.84 23.62
N LEU E 232 -40.95 -15.43 22.57
CA LEU E 232 -41.25 -14.18 21.86
C LEU E 232 -41.27 -14.44 20.37
N VAL E 233 -42.43 -14.22 19.74
CA VAL E 233 -42.63 -14.43 18.32
C VAL E 233 -43.05 -13.09 17.72
N LEU E 234 -42.38 -12.68 16.64
CA LEU E 234 -42.61 -11.39 16.00
C LEU E 234 -44.04 -11.23 15.48
N MET E 240 -42.26 -16.79 13.84
CA MET E 240 -40.83 -16.62 13.65
C MET E 240 -40.16 -16.15 14.94
N ASN E 241 -39.79 -17.11 15.79
CA ASN E 241 -39.14 -16.81 17.05
C ASN E 241 -37.77 -16.18 16.82
N ARG E 242 -37.35 -15.33 17.76
CA ARG E 242 -36.11 -14.59 17.62
C ARG E 242 -34.89 -15.51 17.60
N MET E 243 -34.98 -16.63 18.32
CA MET E 243 -33.90 -17.60 18.37
C MET E 243 -33.66 -18.22 17.00
N HIS E 244 -34.74 -18.60 16.31
CA HIS E 244 -34.63 -19.26 15.01
C HIS E 244 -34.02 -18.32 13.96
N GLU E 245 -34.47 -17.07 13.94
CA GLU E 245 -33.94 -16.10 12.99
C GLU E 245 -32.49 -15.73 13.32
N SER E 246 -32.16 -15.69 14.61
CA SER E 246 -30.77 -15.50 15.03
C SER E 246 -29.89 -16.66 14.57
N MET E 247 -30.42 -17.88 14.65
CA MET E 247 -29.74 -19.06 14.12
C MET E 247 -29.50 -18.94 12.63
N LYS E 248 -30.49 -18.44 11.89
CA LYS E 248 -30.35 -18.25 10.46
C LYS E 248 -29.26 -17.22 10.15
N LEU E 249 -29.20 -16.14 10.93
CA LEU E 249 -28.13 -15.17 10.77
C LEU E 249 -26.76 -15.79 11.01
N PHE E 250 -26.65 -16.63 12.05
CA PHE E 250 -25.39 -17.31 12.32
C PHE E 250 -25.02 -18.29 11.22
N ASP E 251 -25.99 -19.02 10.69
CA ASP E 251 -25.74 -19.95 9.59
C ASP E 251 -25.25 -19.22 8.35
N SER E 252 -25.89 -18.09 8.04
CA SER E 252 -25.47 -17.28 6.88
C SER E 252 -24.07 -16.74 7.07
N ILE E 253 -23.77 -16.18 8.24
CA ILE E 253 -22.47 -15.54 8.46
C ILE E 253 -21.36 -16.60 8.55
N CYS E 254 -21.70 -17.81 9.01
CA CYS E 254 -20.69 -18.85 9.09
C CYS E 254 -20.39 -19.45 7.73
N ASN E 255 -21.41 -19.62 6.90
CA ASN E 255 -21.25 -20.34 5.63
C ASN E 255 -20.76 -19.46 4.48
N ASN E 256 -20.45 -18.19 4.74
CA ASN E 256 -20.02 -17.30 3.66
C ASN E 256 -18.62 -17.65 3.17
N LYS E 257 -18.24 -17.02 2.05
CA LYS E 257 -16.98 -17.34 1.40
C LYS E 257 -15.84 -16.51 1.99
N TRP E 258 -16.12 -15.27 2.38
CA TRP E 258 -15.08 -14.39 2.92
C TRP E 258 -14.57 -14.90 4.25
N PHE E 259 -15.48 -15.37 5.09
CA PHE E 259 -15.12 -15.90 6.41
C PHE E 259 -14.94 -17.42 6.34
N THR E 260 -13.99 -17.84 5.50
CA THR E 260 -13.60 -19.25 5.50
C THR E 260 -12.88 -19.61 6.79
N ASP E 261 -11.87 -18.83 7.15
CA ASP E 261 -11.07 -19.08 8.34
C ASP E 261 -10.97 -17.77 9.15
N THR E 262 -12.02 -17.50 9.91
CA THR E 262 -12.04 -16.46 10.92
C THR E 262 -12.66 -17.05 12.16
N SER E 263 -11.98 -16.95 13.30
CA SER E 263 -12.47 -17.55 14.52
C SER E 263 -13.73 -16.84 15.02
N ILE E 264 -14.73 -17.63 15.36
CA ILE E 264 -16.05 -17.13 15.76
C ILE E 264 -16.20 -17.31 17.26
N ILE E 265 -16.55 -16.22 17.95
CA ILE E 265 -16.85 -16.25 19.37
C ILE E 265 -18.31 -15.85 19.53
N LEU E 266 -19.01 -16.56 20.42
CA LEU E 266 -20.40 -16.21 20.70
C LEU E 266 -20.61 -16.16 22.21
N PHE E 267 -21.40 -15.20 22.65
CA PHE E 267 -21.74 -14.98 24.04
C PHE E 267 -23.22 -15.28 24.24
N LEU E 268 -23.67 -15.24 25.49
CA LEU E 268 -25.07 -15.47 25.81
C LEU E 268 -25.57 -14.28 26.64
N ASN E 269 -26.86 -14.29 26.95
CA ASN E 269 -27.51 -13.19 27.66
C ASN E 269 -28.82 -13.71 28.25
N LYS E 270 -29.20 -13.12 29.39
CA LYS E 270 -30.49 -13.35 30.06
C LYS E 270 -30.71 -14.81 30.41
N LYS E 271 -29.61 -15.52 30.72
CA LYS E 271 -29.69 -16.95 30.99
C LYS E 271 -30.34 -17.25 32.33
N ASP E 272 -30.18 -16.35 33.30
CA ASP E 272 -30.84 -16.55 34.60
C ASP E 272 -32.35 -16.45 34.46
N LEU E 273 -32.83 -15.51 33.65
CA LEU E 273 -34.26 -15.41 33.36
C LEU E 273 -34.76 -16.63 32.60
N PHE E 274 -33.96 -17.14 31.67
CA PHE E 274 -34.33 -18.33 30.90
C PHE E 274 -34.46 -19.54 31.81
N GLU E 275 -33.50 -19.72 32.71
CA GLU E 275 -33.55 -20.82 33.68
C GLU E 275 -34.72 -20.67 34.64
N GLU E 276 -35.01 -19.43 35.04
CA GLU E 276 -36.09 -19.18 35.98
C GLU E 276 -37.45 -19.49 35.35
N LYS E 277 -37.67 -19.05 34.12
CA LYS E 277 -38.98 -19.18 33.50
C LYS E 277 -39.25 -20.60 33.02
N ILE E 278 -38.22 -21.30 32.56
CA ILE E 278 -38.37 -22.63 31.99
C ILE E 278 -38.74 -23.66 33.05
N LEU E 283 -39.98 -24.60 27.96
CA LEU E 283 -39.26 -25.34 26.94
C LEU E 283 -40.09 -25.49 25.66
N THR E 284 -41.35 -25.87 25.85
CA THR E 284 -42.21 -26.27 24.74
C THR E 284 -42.56 -25.11 23.82
N ILE E 285 -42.32 -23.87 24.26
CA ILE E 285 -42.69 -22.71 23.47
C ILE E 285 -41.80 -22.58 22.23
N CYS E 286 -40.49 -22.79 22.41
CA CYS E 286 -39.55 -22.63 21.30
C CYS E 286 -38.92 -23.92 20.81
N TYR E 287 -38.64 -24.87 21.69
CA TYR E 287 -37.98 -26.13 21.30
C TYR E 287 -38.70 -27.32 21.89
N PRO E 288 -39.85 -27.70 21.32
CA PRO E 288 -40.45 -28.99 21.71
C PRO E 288 -39.61 -30.19 21.28
N GLU E 289 -38.69 -29.99 20.33
CA GLU E 289 -37.90 -31.09 19.79
C GLU E 289 -36.86 -31.60 20.79
N TYR E 290 -36.58 -30.81 21.83
CA TYR E 290 -35.64 -31.22 22.87
C TYR E 290 -36.08 -32.51 23.55
N ALA E 291 -37.34 -32.54 24.00
CA ALA E 291 -37.93 -33.67 24.74
C ALA E 291 -37.06 -34.07 25.94
N GLY E 292 -36.53 -33.05 26.63
CA GLY E 292 -35.66 -33.26 27.76
C GLY E 292 -36.11 -32.44 28.96
N SER E 293 -35.35 -32.56 30.03
CA SER E 293 -35.71 -31.91 31.28
C SER E 293 -35.54 -30.40 31.19
N ASN E 294 -36.38 -29.66 31.91
CA ASN E 294 -36.28 -28.21 31.98
C ASN E 294 -35.14 -27.73 32.87
N THR E 295 -34.30 -28.64 33.37
CA THR E 295 -33.08 -28.32 34.10
C THR E 295 -32.20 -27.39 33.29
N TYR E 296 -31.71 -26.32 33.95
CA TYR E 296 -31.00 -25.25 33.26
C TYR E 296 -29.73 -25.76 32.59
N GLU E 297 -28.99 -26.63 33.27
CA GLU E 297 -27.74 -27.16 32.73
C GLU E 297 -28.01 -28.01 31.49
N GLU E 298 -29.01 -28.90 31.58
CA GLU E 298 -29.34 -29.78 30.47
C GLU E 298 -29.89 -28.99 29.29
N ALA E 299 -30.79 -28.04 29.56
CA ALA E 299 -31.37 -27.22 28.50
C ALA E 299 -30.33 -26.31 27.86
N ALA E 300 -29.47 -25.70 28.67
CA ALA E 300 -28.42 -24.82 28.16
C ALA E 300 -27.40 -25.60 27.34
N ALA E 301 -27.10 -26.83 27.76
CA ALA E 301 -26.26 -27.71 26.97
C ALA E 301 -26.89 -28.01 25.62
N TYR E 302 -28.20 -28.28 25.61
CA TYR E 302 -28.90 -28.54 24.35
C TYR E 302 -28.88 -27.33 23.43
N ILE E 303 -29.16 -26.14 23.97
CA ILE E 303 -29.24 -24.91 23.17
C ILE E 303 -27.88 -24.56 22.58
N GLN E 304 -26.84 -24.57 23.42
CA GLN E 304 -25.50 -24.25 22.93
C GLN E 304 -24.99 -25.30 21.94
N CYS E 305 -25.38 -26.56 22.15
CA CYS E 305 -25.01 -27.62 21.21
C CYS E 305 -25.62 -27.38 19.84
N GLN E 306 -26.92 -27.06 19.79
CA GLN E 306 -27.58 -26.80 18.52
C GLN E 306 -27.01 -25.57 17.84
N PHE E 307 -26.66 -24.54 18.62
CA PHE E 307 -26.06 -23.34 18.02
C PHE E 307 -24.67 -23.62 17.47
N GLU E 308 -23.86 -24.43 18.17
CA GLU E 308 -22.56 -24.81 17.67
C GLU E 308 -22.65 -25.78 16.49
N ASP E 309 -23.80 -26.42 16.28
CA ASP E 309 -24.02 -27.25 15.09
C ASP E 309 -24.20 -26.43 13.82
N LEU E 310 -24.12 -25.10 13.89
CA LEU E 310 -24.26 -24.24 12.72
C LEU E 310 -22.91 -23.95 12.07
N ASN E 311 -21.93 -24.83 12.24
CA ASN E 311 -20.58 -24.66 11.72
C ASN E 311 -20.49 -25.13 10.27
N LYS E 312 -21.15 -24.39 9.39
CA LYS E 312 -21.16 -24.72 7.98
C LYS E 312 -20.01 -23.99 7.27
N ARG E 313 -19.22 -24.76 6.52
CA ARG E 313 -17.94 -24.33 5.95
C ARG E 313 -17.02 -23.76 7.02
N LYS E 314 -17.05 -24.36 8.20
CA LYS E 314 -16.26 -23.93 9.35
C LYS E 314 -15.27 -25.02 9.78
N ASP E 315 -14.70 -25.73 8.81
CA ASP E 315 -13.67 -26.72 9.14
C ASP E 315 -12.41 -26.04 9.64
N THR E 316 -12.01 -24.95 8.98
CA THR E 316 -10.88 -24.15 9.45
C THR E 316 -11.30 -23.15 10.52
N LYS E 317 -12.54 -22.65 10.44
CA LYS E 317 -13.11 -21.74 11.42
C LYS E 317 -13.36 -22.46 12.75
N GLU E 318 -13.29 -21.72 13.85
CA GLU E 318 -13.54 -22.26 15.18
C GLU E 318 -14.74 -21.56 15.81
N ILE E 319 -15.46 -22.29 16.66
CA ILE E 319 -16.57 -21.72 17.41
C ILE E 319 -16.27 -21.79 18.90
N TYR E 320 -15.65 -20.75 19.44
CA TYR E 320 -15.52 -20.63 20.89
C TYR E 320 -16.84 -20.15 21.45
N THR E 321 -17.49 -20.99 22.24
CA THR E 321 -18.72 -20.59 22.90
C THR E 321 -18.46 -20.37 24.38
N HIS E 322 -19.32 -19.58 25.00
CA HIS E 322 -19.16 -19.22 26.39
C HIS E 322 -20.52 -19.13 27.06
N PHE E 323 -20.58 -19.64 28.29
CA PHE E 323 -21.75 -19.46 29.15
C PHE E 323 -21.59 -18.12 29.84
N THR E 324 -21.99 -17.06 29.15
CA THR E 324 -21.90 -15.72 29.71
C THR E 324 -22.91 -15.56 30.83
N CYS E 325 -22.41 -15.33 32.05
CA CYS E 325 -23.29 -15.24 33.21
C CYS E 325 -23.95 -13.86 33.31
N SER E 326 -23.51 -12.90 32.50
CA SER E 326 -23.89 -11.49 32.42
C SER E 326 -23.43 -10.69 33.64
N THR E 327 -22.77 -11.30 34.62
CA THR E 327 -22.18 -10.59 35.75
C THR E 327 -20.76 -11.06 36.00
N ASP E 328 -20.25 -12.01 35.20
CA ASP E 328 -18.88 -12.46 35.30
C ASP E 328 -17.92 -11.31 35.05
N THR E 329 -16.85 -11.26 35.86
CA THR E 329 -15.98 -10.10 36.02
C THR E 329 -15.36 -9.63 34.72
N LYS E 330 -14.54 -10.48 34.12
CA LYS E 330 -13.91 -10.17 32.83
C LYS E 330 -14.23 -11.34 31.90
N ASN E 331 -15.31 -11.20 31.13
CA ASN E 331 -15.57 -12.10 30.03
C ASN E 331 -14.73 -11.74 28.80
N VAL E 332 -13.98 -10.64 28.87
CA VAL E 332 -12.93 -10.33 27.93
C VAL E 332 -11.73 -11.28 28.11
N GLN E 333 -11.68 -12.03 29.21
CA GLN E 333 -10.67 -13.07 29.40
C GLN E 333 -10.81 -14.16 28.36
N PHE E 334 -12.05 -14.57 28.06
CA PHE E 334 -12.32 -15.51 26.97
C PHE E 334 -11.81 -14.95 25.65
N VAL E 335 -12.07 -13.67 25.40
CA VAL E 335 -11.66 -13.01 24.16
C VAL E 335 -10.15 -12.95 24.07
N PHE E 336 -9.48 -12.63 25.17
CA PHE E 336 -8.02 -12.49 25.16
C PHE E 336 -7.35 -13.84 24.92
N ASP E 337 -7.82 -14.89 25.59
CA ASP E 337 -7.26 -16.21 25.35
C ASP E 337 -7.59 -16.72 23.95
N ALA E 338 -8.80 -16.43 23.45
CA ALA E 338 -9.19 -16.86 22.12
C ALA E 338 -8.36 -16.17 21.04
N VAL E 339 -8.22 -14.84 21.16
CA VAL E 339 -7.42 -14.09 20.18
C VAL E 339 -5.94 -14.43 20.32
N THR E 340 -5.52 -14.81 21.53
CA THR E 340 -4.13 -15.23 21.74
C THR E 340 -3.87 -16.57 21.05
N ASP E 341 -4.81 -17.50 21.17
CA ASP E 341 -4.71 -18.80 20.50
C ASP E 341 -4.71 -18.63 18.98
N VAL E 342 -5.55 -17.72 18.48
CA VAL E 342 -5.60 -17.43 17.05
C VAL E 342 -4.28 -16.83 16.59
N ILE E 343 -3.72 -15.91 17.38
CA ILE E 343 -2.44 -15.27 17.06
C ILE E 343 -1.33 -16.30 17.03
N ILE E 344 -1.35 -17.24 17.97
CA ILE E 344 -0.34 -18.31 18.05
C ILE E 344 -0.42 -19.20 16.81
N LYS E 345 -1.63 -19.65 16.48
CA LYS E 345 -1.80 -20.57 15.35
C LYS E 345 -1.49 -19.88 14.02
N ASN E 346 -1.81 -18.58 13.91
CA ASN E 346 -1.46 -17.83 12.70
C ASN E 346 0.04 -17.51 12.66
N ASN E 347 0.68 -17.41 13.83
CA ASN E 347 2.12 -17.23 13.89
C ASN E 347 2.84 -18.46 13.36
N LEU E 348 2.26 -19.64 13.60
CA LEU E 348 2.79 -20.86 12.99
C LEU E 348 2.74 -20.79 11.47
N LYS E 349 1.65 -20.25 10.91
CA LYS E 349 1.56 -20.08 9.47
C LYS E 349 2.51 -18.99 8.96
N ASP E 350 2.74 -17.97 9.80
CA ASP E 350 3.71 -16.93 9.46
C ASP E 350 5.12 -17.50 9.34
N CYS E 351 5.47 -18.42 10.23
CA CYS E 351 6.69 -19.19 10.08
C CYS E 351 6.59 -20.26 9.00
N GLY E 352 5.39 -20.57 8.54
CA GLY E 352 5.17 -21.69 7.65
C GLY E 352 5.01 -23.02 8.35
N LEU E 353 5.07 -23.02 9.68
CA LEU E 353 4.92 -24.25 10.45
C LEU E 353 3.53 -24.83 10.31
N PHE E 354 2.49 -24.00 10.48
CA PHE E 354 1.11 -24.45 10.40
C PHE E 354 0.17 -23.28 10.12
O2 9HO F . 36.90 -22.68 10.29
C1 9HO F . 37.27 -23.32 9.27
O1 9HO F . 36.43 -23.61 8.37
C2 9HO F . 38.73 -23.78 9.13
C3 9HO F . 38.86 -25.30 9.04
C4 9HO F . 40.32 -25.82 9.13
C5 9HO F . 40.49 -27.22 8.47
C6 9HO F . 41.38 -28.21 9.26
C7 9HO F . 41.31 -29.66 8.68
C8 9HO F . 40.73 -30.68 9.71
C9 9HO F . 39.71 -31.63 9.05
C10 9HO F . 39.97 -33.08 9.52
C11 9HO F . 41.21 -33.47 9.19
C12 9HO F . 40.81 -34.81 9.87
C13 9HO F . 41.62 -35.87 9.75
C14 9HO F . 42.94 -35.75 8.95
C15 9HO F . 43.58 -37.14 8.74
C16 9HO F . 44.63 -37.46 9.83
C17 9HO F . 44.12 -38.42 10.92
C18 9HO F . 43.59 -37.68 12.16
O3 9HO F . 38.41 -31.28 9.43
#